data_7SVQ
#
_entry.id   7SVQ
#
_cell.length_a   50.020
_cell.length_b   54.980
_cell.length_c   63.241
_cell.angle_alpha   86.820
_cell.angle_beta   69.120
_cell.angle_gamma   84.140
#
_symmetry.space_group_name_H-M   'P 1'
#
loop_
_entity.id
_entity.type
_entity.pdbx_description
1 polymer 'L-galactose dehydrogenase'
2 non-polymer NICOTINAMIDE-ADENINE-DINUCLEOTIDE
3 water water
#
_entity_poly.entity_id   1
_entity_poly.type   'polypeptide(L)'
_entity_poly.pdbx_seq_one_letter_code
;MGSSHHHHHHSSGLVPRGSHMMNTHQKLERRELGNTGLNLSCVGFGASPLGNVFGDVSEEQSIATVIEAFNQGINFFDTS
PYYGATLSEKVLGKCLKALGASRDEYIVATKCGRYAEGFDFSAERVTKSIDESLERLQLEYVDILQCHDIEFGSLDQIVN
ETIPALQKIKESGKTRFIGITGLPLEVYTYVLDRVPPGTIDVVLSYCHYCINDSTLEDMLPYFKSKGVGVINASPLSMGL
HTENGPPEWHPASPEIKAACKAAADYCKKNGKNISKLALQYSLSNKDISTTLVGMNSVKQVEENVGAALELETAGKDEKT
FAEIENILKPIKNQSWPSGIQQT
;
_entity_poly.pdbx_strand_id   A,B
#
loop_
_chem_comp.id
_chem_comp.type
_chem_comp.name
_chem_comp.formula
NAD non-polymer NICOTINAMIDE-ADENINE-DINUCLEOTIDE 'C21 H27 N7 O14 P2'
#
# COMPACT_ATOMS: atom_id res chain seq x y z
N LYS A 27 -16.30 -10.64 -36.33
CA LYS A 27 -16.24 -10.97 -34.90
C LYS A 27 -14.85 -10.71 -34.29
N LEU A 28 -14.84 -10.33 -33.00
CA LEU A 28 -13.61 -10.12 -32.27
C LEU A 28 -12.83 -11.43 -32.13
N GLU A 29 -11.58 -11.43 -32.58
CA GLU A 29 -10.78 -12.65 -32.56
C GLU A 29 -10.62 -13.18 -31.16
N ARG A 30 -10.67 -14.51 -31.02
CA ARG A 30 -10.43 -15.19 -29.76
C ARG A 30 -9.21 -16.11 -29.88
N ARG A 31 -8.49 -16.26 -28.77
CA ARG A 31 -7.24 -17.00 -28.75
C ARG A 31 -7.27 -18.00 -27.58
N GLU A 32 -6.70 -19.18 -27.81
CA GLU A 32 -6.64 -20.18 -26.75
C GLU A 32 -5.67 -19.73 -25.66
N LEU A 33 -6.04 -20.02 -24.41
CA LEU A 33 -5.27 -19.61 -23.24
C LEU A 33 -4.52 -20.83 -22.71
N GLY A 34 -3.27 -20.98 -23.13
CA GLY A 34 -2.45 -22.08 -22.63
C GLY A 34 -3.12 -23.42 -22.83
N ASN A 35 -3.12 -24.22 -21.77
CA ASN A 35 -3.77 -25.52 -21.75
C ASN A 35 -5.10 -25.53 -21.01
N THR A 36 -5.64 -24.36 -20.70
CA THR A 36 -6.89 -24.25 -19.95
C THR A 36 -8.11 -24.63 -20.77
N GLY A 37 -8.01 -24.58 -22.10
CA GLY A 37 -9.17 -24.76 -22.94
C GLY A 37 -10.05 -23.54 -23.07
N LEU A 38 -9.70 -22.45 -22.37
CA LEU A 38 -10.46 -21.20 -22.47
C LEU A 38 -10.06 -20.44 -23.72
N ASN A 39 -11.05 -19.88 -24.42
CA ASN A 39 -10.84 -19.05 -25.60
C ASN A 39 -11.24 -17.61 -25.26
N LEU A 40 -10.23 -16.75 -25.06
CA LEU A 40 -10.45 -15.38 -24.65
C LEU A 40 -10.45 -14.44 -25.84
N SER A 41 -11.32 -13.43 -25.81
CA SER A 41 -11.21 -12.34 -26.77
C SER A 41 -9.83 -11.70 -26.67
N CYS A 42 -9.26 -11.35 -27.83
CA CYS A 42 -7.89 -10.82 -27.84
C CYS A 42 -7.77 -9.52 -27.07
N VAL A 43 -8.89 -8.77 -26.96
CA VAL A 43 -9.02 -7.63 -26.07
C VAL A 43 -9.78 -8.08 -24.82
N GLY A 44 -9.18 -7.86 -23.66
CA GLY A 44 -9.83 -8.17 -22.40
C GLY A 44 -10.25 -6.91 -21.65
N PHE A 45 -11.20 -7.06 -20.73
CA PHE A 45 -11.72 -5.95 -19.96
C PHE A 45 -10.94 -5.85 -18.65
N GLY A 46 -10.10 -4.83 -18.51
CA GLY A 46 -9.50 -4.56 -17.21
C GLY A 46 -10.48 -3.79 -16.35
N ALA A 47 -10.90 -4.36 -15.24
CA ALA A 47 -11.94 -3.74 -14.43
C ALA A 47 -11.39 -2.89 -13.30
N SER A 48 -10.07 -2.65 -13.27
CA SER A 48 -9.54 -1.77 -12.24
C SER A 48 -10.12 -0.35 -12.27
N PRO A 49 -10.47 0.25 -13.41
CA PRO A 49 -11.14 1.56 -13.35
C PRO A 49 -12.51 1.50 -12.72
N LEU A 50 -13.16 0.33 -12.69
CA LEU A 50 -14.44 0.21 -12.02
C LEU A 50 -14.31 0.41 -10.52
N GLY A 51 -13.09 0.34 -10.00
CA GLY A 51 -12.78 0.68 -8.63
C GLY A 51 -12.29 2.11 -8.45
N ASN A 52 -12.50 2.95 -9.47
CA ASN A 52 -12.16 4.37 -9.44
C ASN A 52 -10.65 4.64 -9.41
N VAL A 53 -9.84 3.70 -9.91
CA VAL A 53 -8.39 3.91 -9.92
C VAL A 53 -8.02 5.06 -10.86
N PHE A 54 -8.68 5.15 -12.01
CA PHE A 54 -8.43 6.22 -12.97
C PHE A 54 -9.58 7.22 -12.97
N GLY A 55 -9.80 7.89 -11.83
CA GLY A 55 -10.88 8.84 -11.56
C GLY A 55 -12.23 8.15 -11.33
N ASP A 56 -13.20 8.89 -10.80
CA ASP A 56 -14.49 8.33 -10.40
C ASP A 56 -15.35 7.97 -11.62
N VAL A 57 -16.13 6.91 -11.47
CA VAL A 57 -17.04 6.43 -12.51
C VAL A 57 -18.30 5.91 -11.83
N SER A 58 -19.47 6.34 -12.32
CA SER A 58 -20.73 5.92 -11.71
C SER A 58 -20.98 4.43 -11.93
N GLU A 59 -21.74 3.83 -11.00
CA GLU A 59 -22.09 2.43 -11.12
C GLU A 59 -22.94 2.17 -12.36
N GLU A 60 -23.83 3.10 -12.69
CA GLU A 60 -24.64 2.97 -13.90
C GLU A 60 -23.76 2.99 -15.16
N GLN A 61 -22.77 3.87 -15.19
CA GLN A 61 -21.85 3.91 -16.32
C GLN A 61 -21.02 2.62 -16.40
N SER A 62 -20.56 2.12 -15.25
CA SER A 62 -19.79 0.89 -15.22
C SER A 62 -20.59 -0.27 -15.81
N ILE A 63 -21.87 -0.38 -15.43
CA ILE A 63 -22.72 -1.46 -15.92
C ILE A 63 -22.90 -1.34 -17.43
N ALA A 64 -23.18 -0.12 -17.90
CA ALA A 64 -23.35 0.07 -19.35
C ALA A 64 -22.07 -0.26 -20.11
N THR A 65 -20.92 0.05 -19.49
CA THR A 65 -19.63 -0.20 -20.14
C THR A 65 -19.37 -1.69 -20.29
N VAL A 66 -19.69 -2.48 -19.27
CA VAL A 66 -19.50 -3.92 -19.33
C VAL A 66 -20.50 -4.55 -20.31
N ILE A 67 -21.76 -4.10 -20.28
CA ILE A 67 -22.77 -4.63 -21.20
C ILE A 67 -22.32 -4.40 -22.64
N GLU A 68 -21.84 -3.19 -22.93
CA GLU A 68 -21.36 -2.90 -24.27
C GLU A 68 -20.14 -3.74 -24.62
N ALA A 69 -19.23 -3.94 -23.66
CA ALA A 69 -18.06 -4.76 -23.91
C ALA A 69 -18.48 -6.19 -24.28
N PHE A 70 -19.38 -6.77 -23.50
CA PHE A 70 -19.87 -8.12 -23.81
C PHE A 70 -20.59 -8.16 -25.15
N ASN A 71 -21.43 -7.15 -25.43
CA ASN A 71 -22.14 -7.12 -26.71
C ASN A 71 -21.20 -7.02 -27.89
N GLN A 72 -20.03 -6.41 -27.70
CA GLN A 72 -19.03 -6.26 -28.75
C GLN A 72 -18.13 -7.48 -28.89
N GLY A 73 -18.29 -8.50 -28.05
CA GLY A 73 -17.51 -9.71 -28.20
C GLY A 73 -16.42 -9.92 -27.18
N ILE A 74 -16.23 -9.00 -26.24
CA ILE A 74 -15.26 -9.18 -25.16
C ILE A 74 -15.83 -10.18 -24.16
N ASN A 75 -15.07 -11.22 -23.83
CA ASN A 75 -15.60 -12.27 -22.96
C ASN A 75 -14.74 -12.52 -21.74
N PHE A 76 -13.77 -11.66 -21.46
CA PHE A 76 -12.81 -11.88 -20.38
C PHE A 76 -12.73 -10.62 -19.52
N PHE A 77 -12.87 -10.79 -18.20
CA PHE A 77 -12.97 -9.68 -17.26
C PHE A 77 -12.06 -9.95 -16.09
N ASP A 78 -11.19 -8.99 -15.78
CA ASP A 78 -10.17 -9.15 -14.75
C ASP A 78 -10.34 -8.10 -13.65
N THR A 79 -10.25 -8.54 -12.40
CA THR A 79 -10.33 -7.61 -11.27
C THR A 79 -9.38 -8.09 -10.18
N SER A 80 -9.50 -7.50 -8.99
CA SER A 80 -8.72 -7.87 -7.82
C SER A 80 -9.39 -7.24 -6.60
N PRO A 81 -9.35 -7.90 -5.44
CA PRO A 81 -9.85 -7.27 -4.21
C PRO A 81 -9.17 -5.95 -3.92
N TYR A 82 -7.99 -5.71 -4.49
CA TYR A 82 -7.22 -4.50 -4.20
C TYR A 82 -7.87 -3.28 -4.83
N TYR A 83 -8.40 -3.41 -6.04
CA TYR A 83 -8.84 -2.25 -6.81
C TYR A 83 -9.98 -1.54 -6.09
N GLY A 84 -9.74 -0.31 -5.65
CA GLY A 84 -10.76 0.46 -4.98
C GLY A 84 -11.19 -0.11 -3.65
N ALA A 85 -10.29 -0.82 -2.95
CA ALA A 85 -10.57 -1.38 -1.63
C ALA A 85 -11.81 -2.26 -1.67
N THR A 86 -11.80 -3.23 -2.60
CA THR A 86 -12.82 -4.24 -2.91
C THR A 86 -13.99 -3.68 -3.72
N LEU A 87 -13.99 -2.38 -4.07
CA LEU A 87 -15.13 -1.81 -4.81
C LEU A 87 -15.19 -2.37 -6.23
N SER A 88 -14.05 -2.57 -6.87
CA SER A 88 -14.09 -3.04 -8.26
C SER A 88 -14.81 -4.36 -8.36
N GLU A 89 -14.53 -5.28 -7.42
CA GLU A 89 -15.20 -6.57 -7.42
C GLU A 89 -16.70 -6.43 -7.21
N LYS A 90 -17.12 -5.61 -6.24
CA LYS A 90 -18.54 -5.41 -6.00
C LYS A 90 -19.23 -4.86 -7.24
N VAL A 91 -18.62 -3.85 -7.87
CA VAL A 91 -19.21 -3.24 -9.06
C VAL A 91 -19.22 -4.23 -10.22
N LEU A 92 -18.11 -4.96 -10.43
CA LEU A 92 -18.10 -5.93 -11.52
C LEU A 92 -19.15 -7.01 -11.31
N GLY A 93 -19.33 -7.46 -10.07
CA GLY A 93 -20.38 -8.43 -9.80
C GLY A 93 -21.75 -7.93 -10.24
N LYS A 94 -22.04 -6.66 -9.99
CA LYS A 94 -23.29 -6.10 -10.48
C LYS A 94 -23.33 -6.03 -12.00
N CYS A 95 -22.20 -5.68 -12.62
CA CYS A 95 -22.13 -5.59 -14.08
C CYS A 95 -22.40 -6.94 -14.71
N LEU A 96 -21.74 -7.98 -14.20
CA LEU A 96 -21.90 -9.30 -14.80
C LEU A 96 -23.32 -9.82 -14.65
N LYS A 97 -23.96 -9.56 -13.49
CA LYS A 97 -25.36 -9.91 -13.33
C LYS A 97 -26.24 -9.21 -14.36
N ALA A 98 -25.94 -7.95 -14.68
CA ALA A 98 -26.76 -7.20 -15.63
C ALA A 98 -26.66 -7.76 -17.06
N LEU A 99 -25.65 -8.59 -17.35
CA LEU A 99 -25.52 -9.19 -18.66
C LEU A 99 -26.69 -10.12 -18.97
N GLY A 100 -27.20 -10.82 -17.97
CA GLY A 100 -28.23 -11.81 -18.21
C GLY A 100 -27.79 -12.87 -19.19
N ALA A 101 -26.53 -13.31 -19.10
CA ALA A 101 -25.92 -14.23 -20.04
C ALA A 101 -25.57 -15.54 -19.35
N SER A 102 -25.42 -16.59 -20.14
CA SER A 102 -24.95 -17.85 -19.57
C SER A 102 -23.56 -17.68 -18.96
N ARG A 103 -23.35 -18.36 -17.83
CA ARG A 103 -22.09 -18.20 -17.09
C ARG A 103 -20.89 -18.60 -17.94
N ASP A 104 -21.03 -19.59 -18.83
CA ASP A 104 -19.88 -20.00 -19.62
C ASP A 104 -19.63 -19.07 -20.81
N GLU A 105 -20.45 -18.04 -20.99
CA GLU A 105 -20.20 -17.07 -22.06
C GLU A 105 -19.20 -15.99 -21.67
N TYR A 106 -18.84 -15.88 -20.39
CA TYR A 106 -17.81 -14.93 -19.98
C TYR A 106 -16.86 -15.61 -19.02
N ILE A 107 -15.68 -15.02 -18.88
CA ILE A 107 -14.59 -15.58 -18.11
C ILE A 107 -14.12 -14.51 -17.13
N VAL A 108 -14.08 -14.85 -15.85
CA VAL A 108 -13.81 -13.89 -14.78
C VAL A 108 -12.50 -14.27 -14.12
N ALA A 109 -11.58 -13.31 -14.02
CA ALA A 109 -10.32 -13.51 -13.34
C ALA A 109 -10.26 -12.53 -12.19
N THR A 110 -9.84 -13.01 -11.01
CA THR A 110 -9.53 -12.09 -9.93
C THR A 110 -8.23 -12.52 -9.26
N LYS A 111 -7.88 -11.91 -8.13
CA LYS A 111 -6.57 -12.09 -7.56
C LYS A 111 -6.66 -12.22 -6.05
N CYS A 112 -5.52 -12.49 -5.42
CA CYS A 112 -5.45 -12.58 -3.97
C CYS A 112 -4.05 -12.22 -3.53
N GLY A 113 -3.92 -11.90 -2.24
CA GLY A 113 -2.63 -11.58 -1.66
C GLY A 113 -2.35 -10.10 -1.48
N ARG A 114 -2.94 -9.24 -2.31
CA ARG A 114 -2.77 -7.80 -2.19
C ARG A 114 -4.10 -7.13 -1.87
N TYR A 115 -4.12 -6.35 -0.79
CA TYR A 115 -5.35 -5.74 -0.26
C TYR A 115 -5.06 -4.30 0.08
N ALA A 116 -6.12 -3.52 0.25
CA ALA A 116 -5.95 -2.12 0.62
C ALA A 116 -5.19 -1.98 1.92
N GLU A 117 -5.29 -2.98 2.80
CA GLU A 117 -4.62 -2.99 4.09
C GLU A 117 -3.25 -3.69 4.05
N GLY A 118 -2.77 -4.04 2.86
CA GLY A 118 -1.42 -4.55 2.69
C GLY A 118 -1.41 -5.94 2.07
N PHE A 119 -0.23 -6.55 2.08
CA PHE A 119 0.01 -7.85 1.45
C PHE A 119 -0.09 -8.96 2.48
N ASP A 120 -0.72 -10.06 2.09
CA ASP A 120 -0.80 -11.23 2.94
C ASP A 120 -1.00 -12.43 2.01
N PHE A 121 0.08 -13.17 1.73
CA PHE A 121 0.04 -14.31 0.84
C PHE A 121 -0.08 -15.63 1.60
N SER A 122 -0.47 -15.59 2.87
CA SER A 122 -0.58 -16.83 3.63
C SER A 122 -1.71 -17.69 3.09
N ALA A 123 -1.60 -19.00 3.33
CA ALA A 123 -2.64 -19.92 2.88
C ALA A 123 -3.99 -19.56 3.50
N GLU A 124 -3.98 -19.15 4.76
CA GLU A 124 -5.23 -18.78 5.42
C GLU A 124 -5.85 -17.55 4.78
N ARG A 125 -5.04 -16.56 4.42
CA ARG A 125 -5.58 -15.33 3.85
C ARG A 125 -6.22 -15.59 2.49
N VAL A 126 -5.49 -16.27 1.60
CA VAL A 126 -6.01 -16.45 0.24
C VAL A 126 -7.20 -17.41 0.23
N THR A 127 -7.26 -18.36 1.16
CA THR A 127 -8.41 -19.24 1.26
C THR A 127 -9.66 -18.47 1.71
N LYS A 128 -9.48 -17.53 2.65
CA LYS A 128 -10.60 -16.64 2.99
C LYS A 128 -10.91 -15.71 1.83
N SER A 129 -9.87 -15.27 1.11
CA SER A 129 -10.04 -14.23 0.11
C SER A 129 -10.95 -14.68 -1.03
N ILE A 130 -10.84 -15.93 -1.46
CA ILE A 130 -11.66 -16.39 -2.58
C ILE A 130 -13.14 -16.36 -2.20
N ASP A 131 -13.47 -16.71 -0.95
CA ASP A 131 -14.86 -16.62 -0.49
C ASP A 131 -15.34 -15.17 -0.47
N GLU A 132 -14.48 -14.27 0.01
CA GLU A 132 -14.83 -12.84 0.02
C GLU A 132 -15.04 -12.32 -1.39
N SER A 133 -14.20 -12.74 -2.34
CA SER A 133 -14.33 -12.29 -3.72
C SER A 133 -15.61 -12.84 -4.37
N LEU A 134 -15.92 -14.10 -4.13
CA LEU A 134 -17.11 -14.70 -4.73
C LEU A 134 -18.37 -14.04 -4.20
N GLU A 135 -18.37 -13.64 -2.91
CA GLU A 135 -19.53 -12.94 -2.37
C GLU A 135 -19.72 -11.60 -3.07
N ARG A 136 -18.65 -10.83 -3.24
CA ARG A 136 -18.73 -9.54 -3.91
C ARG A 136 -19.08 -9.68 -5.39
N LEU A 137 -18.48 -10.65 -6.07
CA LEU A 137 -18.71 -10.90 -7.49
C LEU A 137 -20.06 -11.56 -7.78
N GLN A 138 -20.76 -12.04 -6.76
CA GLN A 138 -22.03 -12.74 -6.91
C GLN A 138 -21.89 -13.94 -7.84
N LEU A 139 -20.81 -14.71 -7.64
CA LEU A 139 -20.52 -15.89 -8.45
C LEU A 139 -20.29 -17.09 -7.55
N GLU A 140 -20.58 -18.27 -8.10
CA GLU A 140 -20.25 -19.52 -7.43
C GLU A 140 -18.79 -19.92 -7.64
N TYR A 141 -18.18 -19.45 -8.73
CA TYR A 141 -16.76 -19.71 -9.00
C TYR A 141 -16.22 -18.62 -9.92
N VAL A 142 -14.92 -18.38 -9.84
CA VAL A 142 -14.20 -17.62 -10.83
C VAL A 142 -13.47 -18.59 -11.76
N ASP A 143 -13.14 -18.11 -12.96
CA ASP A 143 -12.40 -18.96 -13.88
C ASP A 143 -10.91 -18.97 -13.55
N ILE A 144 -10.38 -17.84 -13.10
CA ILE A 144 -8.94 -17.71 -12.87
C ILE A 144 -8.75 -16.96 -11.56
N LEU A 145 -7.82 -17.45 -10.73
CA LEU A 145 -7.43 -16.81 -9.49
C LEU A 145 -5.91 -16.74 -9.47
N GLN A 146 -5.35 -15.55 -9.29
CA GLN A 146 -3.92 -15.37 -9.40
C GLN A 146 -3.35 -14.62 -8.20
N CYS A 147 -2.12 -14.96 -7.83
CA CYS A 147 -1.42 -14.20 -6.81
C CYS A 147 -1.06 -12.82 -7.36
N HIS A 148 -1.42 -11.78 -6.62
CA HIS A 148 -1.31 -10.41 -7.10
C HIS A 148 0.01 -9.81 -6.66
N ASP A 149 0.84 -9.41 -7.64
CA ASP A 149 2.09 -8.67 -7.40
C ASP A 149 3.03 -9.43 -6.46
N ILE A 150 3.45 -10.61 -6.92
CA ILE A 150 4.26 -11.48 -6.07
C ILE A 150 5.63 -10.90 -5.77
N GLU A 151 6.08 -9.87 -6.51
CA GLU A 151 7.39 -9.30 -6.20
C GLU A 151 7.43 -8.58 -4.86
N PHE A 152 6.27 -8.33 -4.25
CA PHE A 152 6.21 -7.75 -2.92
C PHE A 152 6.22 -8.79 -1.81
N GLY A 153 6.16 -10.08 -2.14
CA GLY A 153 6.13 -11.13 -1.15
C GLY A 153 7.44 -11.90 -1.05
N SER A 154 7.43 -12.89 -0.16
CA SER A 154 8.49 -13.89 -0.13
C SER A 154 8.23 -14.90 -1.23
N LEU A 155 9.11 -14.97 -2.23
CA LEU A 155 8.85 -15.89 -3.32
C LEU A 155 8.87 -17.35 -2.84
N ASP A 156 9.63 -17.64 -1.78
CA ASP A 156 9.59 -18.99 -1.20
C ASP A 156 8.23 -19.29 -0.58
N GLN A 157 7.61 -18.29 0.05
CA GLN A 157 6.25 -18.52 0.53
C GLN A 157 5.28 -18.74 -0.63
N ILE A 158 5.44 -17.98 -1.71
CA ILE A 158 4.59 -18.19 -2.89
C ILE A 158 4.70 -19.63 -3.36
N VAL A 159 5.93 -20.14 -3.47
CA VAL A 159 6.14 -21.49 -4.00
C VAL A 159 5.59 -22.54 -3.04
N ASN A 160 5.93 -22.43 -1.76
CA ASN A 160 5.71 -23.52 -0.82
C ASN A 160 4.44 -23.39 0.01
N GLU A 161 3.78 -22.24 0.00
CA GLU A 161 2.56 -22.05 0.80
C GLU A 161 1.40 -21.50 -0.03
N THR A 162 1.62 -20.42 -0.77
CA THR A 162 0.51 -19.75 -1.45
C THR A 162 -0.02 -20.58 -2.61
N ILE A 163 0.86 -21.09 -3.45
CA ILE A 163 0.43 -21.86 -4.61
C ILE A 163 -0.24 -23.17 -4.17
N PRO A 164 0.32 -23.92 -3.21
CA PRO A 164 -0.43 -25.08 -2.69
C PRO A 164 -1.82 -24.73 -2.18
N ALA A 165 -1.98 -23.59 -1.51
CA ALA A 165 -3.30 -23.17 -1.05
C ALA A 165 -4.23 -22.90 -2.22
N LEU A 166 -3.72 -22.25 -3.27
CA LEU A 166 -4.51 -22.01 -4.48
C LEU A 166 -4.85 -23.31 -5.18
N GLN A 167 -3.96 -24.30 -5.12
CA GLN A 167 -4.27 -25.59 -5.71
C GLN A 167 -5.45 -26.23 -5.00
N LYS A 168 -5.53 -26.07 -3.69
CA LYS A 168 -6.69 -26.59 -2.97
C LYS A 168 -7.94 -25.79 -3.29
N ILE A 169 -7.82 -24.48 -3.49
CA ILE A 169 -8.98 -23.70 -3.91
C ILE A 169 -9.47 -24.18 -5.27
N LYS A 170 -8.54 -24.45 -6.18
CA LYS A 170 -8.92 -24.97 -7.50
C LYS A 170 -9.64 -26.31 -7.38
N GLU A 171 -9.13 -27.19 -6.53
CA GLU A 171 -9.76 -28.49 -6.37
C GLU A 171 -11.10 -28.38 -5.69
N SER A 172 -11.32 -27.34 -4.89
CA SER A 172 -12.63 -27.10 -4.31
C SER A 172 -13.63 -26.63 -5.36
N GLY A 173 -13.16 -26.15 -6.51
CA GLY A 173 -14.04 -25.70 -7.56
C GLY A 173 -14.35 -24.22 -7.53
N LYS A 174 -13.90 -23.50 -6.49
CA LYS A 174 -14.16 -22.07 -6.40
C LYS A 174 -13.37 -21.27 -7.42
N THR A 175 -12.26 -21.82 -7.92
CA THR A 175 -11.62 -21.31 -9.14
C THR A 175 -11.34 -22.49 -10.07
N ARG A 176 -11.32 -22.20 -11.36
CA ARG A 176 -11.01 -23.27 -12.30
C ARG A 176 -9.52 -23.38 -12.59
N PHE A 177 -8.82 -22.24 -12.61
CA PHE A 177 -7.40 -22.18 -12.95
C PHE A 177 -6.68 -21.19 -12.04
N ILE A 178 -5.36 -21.33 -11.93
CA ILE A 178 -4.58 -20.49 -11.01
C ILE A 178 -3.40 -19.87 -11.71
N GLY A 179 -2.92 -18.75 -11.17
CA GLY A 179 -1.82 -18.05 -11.80
C GLY A 179 -1.10 -17.12 -10.86
N ILE A 180 -0.18 -16.33 -11.44
CA ILE A 180 0.66 -15.39 -10.71
C ILE A 180 0.83 -14.13 -11.56
N THR A 181 0.94 -12.99 -10.90
CA THR A 181 1.11 -11.70 -11.59
C THR A 181 2.17 -10.86 -10.88
N GLY A 182 2.71 -9.89 -11.62
CA GLY A 182 3.70 -8.97 -11.07
C GLY A 182 4.28 -8.13 -12.19
N LEU A 183 5.12 -7.18 -11.79
CA LEU A 183 5.77 -6.35 -12.80
C LEU A 183 7.09 -6.95 -13.31
N PRO A 184 8.05 -7.31 -12.43
CA PRO A 184 9.37 -7.74 -12.93
C PRO A 184 9.31 -9.10 -13.62
N LEU A 185 9.79 -9.15 -14.86
CA LEU A 185 9.74 -10.40 -15.62
C LEU A 185 10.52 -11.53 -14.95
N GLU A 186 11.52 -11.21 -14.14
CA GLU A 186 12.32 -12.26 -13.53
C GLU A 186 11.56 -13.04 -12.45
N VAL A 187 10.54 -12.44 -11.79
CA VAL A 187 9.91 -13.14 -10.67
C VAL A 187 9.18 -14.40 -11.13
N TYR A 188 8.72 -14.43 -12.38
CA TYR A 188 7.99 -15.60 -12.87
C TYR A 188 8.89 -16.82 -12.95
N THR A 189 10.14 -16.63 -13.42
CA THR A 189 11.05 -17.74 -13.54
C THR A 189 11.33 -18.38 -12.20
N TYR A 190 11.45 -17.56 -11.15
CA TYR A 190 11.72 -18.11 -9.82
C TYR A 190 10.64 -19.12 -9.43
N VAL A 191 9.37 -18.73 -9.60
CA VAL A 191 8.27 -19.58 -9.17
C VAL A 191 8.13 -20.78 -10.09
N LEU A 192 8.11 -20.54 -11.42
CA LEU A 192 7.85 -21.61 -12.39
C LEU A 192 8.97 -22.63 -12.48
N ASP A 193 10.20 -22.28 -12.08
CA ASP A 193 11.28 -23.26 -12.00
C ASP A 193 11.13 -24.20 -10.82
N ARG A 194 10.29 -23.88 -9.83
CA ARG A 194 10.27 -24.59 -8.57
C ARG A 194 8.99 -25.36 -8.29
N VAL A 195 7.98 -25.25 -9.14
CA VAL A 195 6.75 -26.03 -8.97
C VAL A 195 6.72 -27.09 -10.06
N PRO A 196 6.02 -28.21 -9.86
CA PRO A 196 5.97 -29.26 -10.88
C PRO A 196 5.32 -28.76 -12.17
N PRO A 197 5.62 -29.41 -13.30
CA PRO A 197 4.99 -29.01 -14.56
C PRO A 197 3.48 -29.04 -14.45
N GLY A 198 2.82 -28.06 -15.07
CA GLY A 198 1.38 -28.00 -15.03
C GLY A 198 0.78 -27.44 -13.75
N THR A 199 1.59 -26.93 -12.83
CA THR A 199 1.04 -26.39 -11.60
C THR A 199 0.32 -25.07 -11.88
N ILE A 200 0.99 -24.17 -12.60
CA ILE A 200 0.47 -22.84 -12.89
C ILE A 200 -0.21 -22.87 -14.25
N ASP A 201 -1.44 -22.39 -14.32
CA ASP A 201 -2.18 -22.38 -15.58
C ASP A 201 -1.91 -21.13 -16.43
N VAL A 202 -1.71 -19.98 -15.79
CA VAL A 202 -1.72 -18.71 -16.49
CA VAL A 202 -1.74 -18.69 -16.47
C VAL A 202 -0.78 -17.76 -15.76
N VAL A 203 -0.21 -16.82 -16.51
CA VAL A 203 0.53 -15.71 -15.93
C VAL A 203 -0.04 -14.43 -16.50
N LEU A 204 -0.05 -13.36 -15.70
CA LEU A 204 -0.40 -12.04 -16.16
C LEU A 204 0.82 -11.14 -15.97
N SER A 205 1.26 -10.50 -17.07
CA SER A 205 2.32 -9.51 -17.06
C SER A 205 1.74 -8.19 -17.52
N TYR A 206 2.27 -7.08 -16.99
CA TYR A 206 1.74 -5.78 -17.39
C TYR A 206 2.87 -4.80 -17.71
N CYS A 207 2.56 -3.84 -18.58
CA CYS A 207 3.42 -2.75 -19.03
C CYS A 207 4.63 -3.20 -19.83
N HIS A 208 4.72 -4.48 -20.22
CA HIS A 208 5.89 -4.98 -20.92
C HIS A 208 5.58 -5.48 -22.32
N TYR A 209 4.37 -5.24 -22.86
CA TYR A 209 4.14 -5.46 -24.28
C TYR A 209 3.30 -4.28 -24.80
N CYS A 210 3.96 -3.14 -24.95
CA CYS A 210 3.37 -1.89 -25.42
C CYS A 210 4.43 -1.16 -26.23
N ILE A 211 4.06 -0.02 -26.84
CA ILE A 211 4.94 0.60 -27.83
C ILE A 211 6.28 1.03 -27.23
N ASN A 212 6.35 1.30 -25.93
CA ASN A 212 7.61 1.72 -25.32
C ASN A 212 8.38 0.58 -24.67
N ASP A 213 7.77 -0.61 -24.55
CA ASP A 213 8.38 -1.72 -23.80
C ASP A 213 7.79 -3.01 -24.34
N SER A 214 8.60 -3.81 -25.02
CA SER A 214 8.13 -5.08 -25.56
C SER A 214 8.84 -6.26 -24.91
N THR A 215 9.45 -6.06 -23.73
CA THR A 215 10.27 -7.12 -23.14
C THR A 215 9.49 -8.39 -22.81
N LEU A 216 8.16 -8.31 -22.71
CA LEU A 216 7.39 -9.54 -22.51
C LEU A 216 7.67 -10.54 -23.62
N GLU A 217 7.95 -10.07 -24.85
CA GLU A 217 8.28 -11.00 -25.92
C GLU A 217 9.55 -11.77 -25.62
N ASP A 218 10.45 -11.18 -24.82
CA ASP A 218 11.67 -11.89 -24.40
C ASP A 218 11.37 -13.08 -23.51
N MET A 219 10.31 -13.02 -22.72
CA MET A 219 9.97 -14.12 -21.82
C MET A 219 8.97 -15.10 -22.41
N LEU A 220 8.29 -14.74 -23.51
CA LEU A 220 7.36 -15.67 -24.14
C LEU A 220 7.98 -17.04 -24.45
N PRO A 221 9.23 -17.16 -24.91
CA PRO A 221 9.78 -18.52 -25.11
C PRO A 221 9.81 -19.31 -23.82
N TYR A 222 10.15 -18.68 -22.69
CA TYR A 222 10.14 -19.39 -21.41
C TYR A 222 8.73 -19.80 -21.03
N PHE A 223 7.76 -18.89 -21.16
CA PHE A 223 6.39 -19.23 -20.80
C PHE A 223 5.84 -20.37 -21.64
N LYS A 224 6.13 -20.36 -22.95
CA LYS A 224 5.71 -21.48 -23.80
C LYS A 224 6.33 -22.78 -23.33
N SER A 225 7.60 -22.73 -22.91
CA SER A 225 8.30 -23.92 -22.42
C SER A 225 7.66 -24.49 -21.16
N LYS A 226 7.06 -23.63 -20.34
CA LYS A 226 6.37 -24.09 -19.14
C LYS A 226 4.90 -24.36 -19.37
N GLY A 227 4.40 -24.16 -20.59
CA GLY A 227 3.02 -24.44 -20.91
C GLY A 227 2.00 -23.55 -20.24
N VAL A 228 2.33 -22.28 -20.04
CA VAL A 228 1.48 -21.33 -19.33
C VAL A 228 0.85 -20.38 -20.32
N GLY A 229 -0.46 -20.17 -20.20
CA GLY A 229 -1.11 -19.12 -20.96
C GLY A 229 -0.66 -17.75 -20.48
N VAL A 230 -0.50 -16.84 -21.43
CA VAL A 230 0.05 -15.52 -21.15
C VAL A 230 -1.04 -14.47 -21.33
N ILE A 231 -1.28 -13.68 -20.29
CA ILE A 231 -2.18 -12.53 -20.32
C ILE A 231 -1.31 -11.28 -20.23
N ASN A 232 -1.42 -10.41 -21.23
CA ASN A 232 -0.78 -9.10 -21.21
C ASN A 232 -1.78 -8.08 -20.66
N ALA A 233 -1.26 -7.03 -20.03
CA ALA A 233 -2.12 -6.03 -19.43
C ALA A 233 -1.48 -4.65 -19.56
N SER A 234 -2.31 -3.61 -19.51
CA SER A 234 -1.87 -2.23 -19.60
C SER A 234 -1.17 -1.93 -20.92
N PRO A 235 -1.86 -2.06 -22.06
CA PRO A 235 -1.23 -1.70 -23.34
C PRO A 235 -1.04 -0.21 -23.53
N LEU A 236 -1.77 0.62 -22.81
CA LEU A 236 -1.54 2.05 -22.81
C LEU A 236 -0.53 2.43 -21.73
N SER A 237 0.13 1.44 -21.12
CA SER A 237 1.03 1.61 -19.97
C SER A 237 0.42 2.58 -18.95
N MET A 238 -0.82 2.28 -18.59
CA MET A 238 -1.53 2.98 -17.52
C MET A 238 -1.67 4.47 -17.84
N GLY A 239 -1.92 4.78 -19.11
CA GLY A 239 -2.23 6.14 -19.51
C GLY A 239 -1.12 6.90 -20.19
N LEU A 240 0.08 6.31 -20.29
CA LEU A 240 1.15 6.97 -21.05
C LEU A 240 0.75 7.14 -22.50
N HIS A 241 0.04 6.17 -23.06
CA HIS A 241 -0.32 6.20 -24.48
C HIS A 241 -1.77 6.65 -24.66
N THR A 242 -2.04 7.84 -24.13
CA THR A 242 -3.34 8.49 -24.25
C THR A 242 -3.11 9.98 -24.56
N GLU A 243 -4.17 10.62 -25.06
CA GLU A 243 -4.11 12.06 -25.32
C GLU A 243 -4.03 12.85 -24.01
N ASN A 244 -4.75 12.40 -22.98
CA ASN A 244 -4.75 13.10 -21.71
C ASN A 244 -3.42 12.93 -20.96
N GLY A 245 -2.68 11.88 -21.26
CA GLY A 245 -1.41 11.63 -20.61
C GLY A 245 -1.59 10.85 -19.32
N PRO A 246 -0.47 10.47 -18.70
CA PRO A 246 -0.54 9.57 -17.54
C PRO A 246 -1.03 10.31 -16.31
N PRO A 247 -1.56 9.59 -15.32
CA PRO A 247 -1.92 10.23 -14.06
C PRO A 247 -0.66 10.65 -13.32
N GLU A 248 -0.85 11.55 -12.35
CA GLU A 248 0.28 12.15 -11.65
C GLU A 248 1.10 11.10 -10.90
N TRP A 249 0.48 10.00 -10.50
CA TRP A 249 1.12 8.96 -9.71
C TRP A 249 1.87 7.94 -10.55
N HIS A 250 1.88 8.09 -11.87
CA HIS A 250 2.49 7.07 -12.71
C HIS A 250 3.96 6.88 -12.36
N PRO A 251 4.42 5.65 -12.16
CA PRO A 251 5.76 5.42 -11.61
C PRO A 251 6.90 5.55 -12.62
N ALA A 252 6.62 5.76 -13.89
CA ALA A 252 7.68 5.85 -14.89
C ALA A 252 8.51 7.10 -14.66
N SER A 253 9.78 7.04 -15.06
CA SER A 253 10.70 8.16 -14.93
C SER A 253 10.22 9.35 -15.78
N PRO A 254 10.70 10.56 -15.47
CA PRO A 254 10.34 11.71 -16.31
C PRO A 254 10.71 11.54 -17.77
N GLU A 255 11.83 10.86 -18.06
CA GLU A 255 12.26 10.70 -19.44
C GLU A 255 11.37 9.72 -20.21
N ILE A 256 10.83 8.70 -19.53
CA ILE A 256 9.83 7.85 -20.18
C ILE A 256 8.57 8.66 -20.48
N LYS A 257 8.13 9.45 -19.51
CA LYS A 257 6.93 10.28 -19.69
C LYS A 257 7.13 11.30 -20.81
N ALA A 258 8.32 11.91 -20.90
CA ALA A 258 8.54 12.90 -21.93
C ALA A 258 8.50 12.30 -23.32
N ALA A 259 9.10 11.12 -23.51
CA ALA A 259 9.07 10.51 -24.84
C ALA A 259 7.68 10.00 -25.18
N CYS A 260 6.94 9.48 -24.21
CA CYS A 260 5.57 9.02 -24.48
C CYS A 260 4.66 10.20 -24.83
N LYS A 261 4.87 11.34 -24.18
CA LYS A 261 4.11 12.53 -24.53
C LYS A 261 4.46 13.02 -25.94
N ALA A 262 5.75 12.93 -26.30
CA ALA A 262 6.15 13.31 -27.65
C ALA A 262 5.49 12.42 -28.71
N ALA A 263 5.38 11.12 -28.44
CA ALA A 263 4.70 10.23 -29.37
C ALA A 263 3.22 10.56 -29.47
N ALA A 264 2.59 10.85 -28.34
CA ALA A 264 1.16 11.22 -28.38
C ALA A 264 0.97 12.55 -29.10
N ASP A 265 1.86 13.51 -28.88
CA ASP A 265 1.75 14.79 -29.59
C ASP A 265 1.98 14.61 -31.09
N TYR A 266 2.89 13.70 -31.48
CA TYR A 266 3.10 13.44 -32.89
C TYR A 266 1.83 12.92 -33.54
N CYS A 267 1.14 11.99 -32.88
CA CYS A 267 -0.10 11.45 -33.42
C CYS A 267 -1.16 12.53 -33.51
N LYS A 268 -1.29 13.34 -32.45
CA LYS A 268 -2.27 14.43 -32.46
C LYS A 268 -2.01 15.40 -33.60
N LYS A 269 -0.74 15.70 -33.88
CA LYS A 269 -0.41 16.64 -34.95
C LYS A 269 -0.78 16.08 -36.33
N ASN A 270 -0.77 14.76 -36.48
CA ASN A 270 -1.00 14.13 -37.79
C ASN A 270 -2.35 13.44 -37.87
N GLY A 271 -3.28 13.78 -36.96
CA GLY A 271 -4.62 13.23 -37.02
C GLY A 271 -4.73 11.75 -36.69
N LYS A 272 -3.79 11.22 -35.89
CA LYS A 272 -3.79 9.82 -35.51
C LYS A 272 -4.19 9.68 -34.06
N ASN A 273 -4.62 8.48 -33.69
CA ASN A 273 -5.09 8.16 -32.35
C ASN A 273 -4.03 7.31 -31.65
N ILE A 274 -3.33 7.91 -30.67
CA ILE A 274 -2.21 7.21 -30.02
C ILE A 274 -2.71 5.97 -29.29
N SER A 275 -3.91 6.04 -28.69
CA SER A 275 -4.41 4.89 -27.93
C SER A 275 -4.79 3.74 -28.84
N LYS A 276 -5.40 4.04 -30.00
CA LYS A 276 -5.69 3.01 -30.99
C LYS A 276 -4.41 2.33 -31.46
N LEU A 277 -3.41 3.12 -31.84
CA LEU A 277 -2.16 2.53 -32.33
C LEU A 277 -1.45 1.74 -31.25
N ALA A 278 -1.43 2.24 -30.02
CA ALA A 278 -0.79 1.51 -28.93
C ALA A 278 -1.46 0.15 -28.73
N LEU A 279 -2.80 0.13 -28.69
CA LEU A 279 -3.49 -1.13 -28.48
C LEU A 279 -3.26 -2.09 -29.63
N GLN A 280 -3.25 -1.57 -30.87
CA GLN A 280 -3.00 -2.42 -32.03
C GLN A 280 -1.61 -3.04 -31.98
N TYR A 281 -0.63 -2.28 -31.50
CA TYR A 281 0.71 -2.84 -31.31
C TYR A 281 0.66 -4.03 -30.36
N SER A 282 -0.01 -3.86 -29.21
CA SER A 282 -0.06 -4.93 -28.22
C SER A 282 -0.80 -6.16 -28.75
N LEU A 283 -1.78 -5.97 -29.62
CA LEU A 283 -2.57 -7.09 -30.14
C LEU A 283 -1.85 -7.87 -31.23
N SER A 284 -0.70 -7.40 -31.69
CA SER A 284 -0.10 -7.96 -32.89
C SER A 284 0.70 -9.23 -32.64
N ASN A 285 0.99 -9.57 -31.39
CA ASN A 285 1.70 -10.80 -31.08
C ASN A 285 0.69 -11.88 -30.70
N LYS A 286 0.55 -12.88 -31.58
CA LYS A 286 -0.44 -13.93 -31.40
C LYS A 286 -0.07 -14.92 -30.31
N ASP A 287 1.17 -14.90 -29.81
CA ASP A 287 1.54 -15.75 -28.69
C ASP A 287 0.96 -15.29 -27.37
N ILE A 288 0.44 -14.06 -27.31
CA ILE A 288 -0.28 -13.55 -26.14
C ILE A 288 -1.77 -13.81 -26.35
N SER A 289 -2.41 -14.43 -25.36
CA SER A 289 -3.81 -14.85 -25.53
C SER A 289 -4.78 -13.65 -25.45
N THR A 290 -4.54 -12.72 -24.54
CA THR A 290 -5.41 -11.55 -24.42
C THR A 290 -4.60 -10.38 -23.89
N THR A 291 -5.10 -9.16 -24.17
CA THR A 291 -4.51 -7.93 -23.65
C THR A 291 -5.59 -7.19 -22.87
N LEU A 292 -5.43 -7.12 -21.57
CA LEU A 292 -6.38 -6.41 -20.72
C LEU A 292 -6.15 -4.92 -20.86
N VAL A 293 -7.20 -4.17 -21.15
CA VAL A 293 -7.14 -2.72 -21.22
C VAL A 293 -8.20 -2.16 -20.28
N GLY A 294 -7.78 -1.28 -19.38
CA GLY A 294 -8.71 -0.72 -18.42
C GLY A 294 -9.67 0.20 -19.14
N MET A 295 -10.96 0.01 -18.89
CA MET A 295 -11.99 0.78 -19.58
C MET A 295 -13.05 1.23 -18.58
N ASN A 296 -13.52 2.46 -18.76
CA ASN A 296 -14.54 2.99 -17.86
C ASN A 296 -15.63 3.75 -18.60
N SER A 297 -15.75 3.53 -19.92
CA SER A 297 -16.83 4.16 -20.67
C SER A 297 -17.12 3.35 -21.92
N VAL A 298 -18.34 3.51 -22.42
CA VAL A 298 -18.75 2.79 -23.63
C VAL A 298 -17.97 3.29 -24.83
N LYS A 299 -17.58 4.57 -24.82
CA LYS A 299 -16.78 5.08 -25.93
C LYS A 299 -15.41 4.41 -25.97
N GLN A 300 -14.82 4.16 -24.80
CA GLN A 300 -13.53 3.46 -24.80
C GLN A 300 -13.69 2.04 -25.32
N VAL A 301 -14.78 1.37 -24.95
CA VAL A 301 -15.04 0.03 -25.46
C VAL A 301 -15.21 0.06 -26.97
N GLU A 302 -16.03 0.98 -27.47
CA GLU A 302 -16.20 1.09 -28.93
C GLU A 302 -14.89 1.34 -29.63
N GLU A 303 -14.05 2.22 -29.07
CA GLU A 303 -12.76 2.51 -29.69
C GLU A 303 -11.83 1.32 -29.65
N ASN A 304 -11.75 0.64 -28.50
CA ASN A 304 -10.75 -0.42 -28.34
C ASN A 304 -11.13 -1.67 -29.13
N VAL A 305 -12.39 -2.06 -29.11
CA VAL A 305 -12.85 -3.16 -29.96
C VAL A 305 -12.67 -2.78 -31.42
N GLY A 306 -13.01 -1.54 -31.77
CA GLY A 306 -12.83 -1.10 -33.15
C GLY A 306 -11.37 -1.15 -33.58
N ALA A 307 -10.45 -0.78 -32.69
CA ALA A 307 -9.03 -0.88 -33.02
C ALA A 307 -8.62 -2.31 -33.31
N ALA A 308 -9.12 -3.25 -32.53
CA ALA A 308 -8.83 -4.66 -32.75
C ALA A 308 -9.44 -5.14 -34.06
N LEU A 309 -10.70 -4.79 -34.32
CA LEU A 309 -11.35 -5.20 -35.56
C LEU A 309 -10.64 -4.62 -36.77
N GLU A 310 -10.25 -3.35 -36.69
CA GLU A 310 -9.60 -2.72 -37.84
C GLU A 310 -8.20 -3.30 -38.08
N LEU A 311 -7.53 -3.76 -37.02
CA LEU A 311 -6.22 -4.38 -37.20
C LEU A 311 -6.33 -5.58 -38.13
N GLU A 312 -7.41 -6.35 -38.01
CA GLU A 312 -7.59 -7.56 -38.82
C GLU A 312 -7.91 -7.22 -40.27
N THR A 313 -8.69 -6.15 -40.51
CA THR A 313 -9.15 -5.85 -41.86
C THR A 313 -8.31 -4.81 -42.59
N ALA A 314 -7.60 -3.95 -41.87
CA ALA A 314 -6.77 -2.92 -42.50
C ALA A 314 -5.29 -3.04 -42.17
N GLY A 315 -4.91 -3.85 -41.20
CA GLY A 315 -3.50 -3.95 -40.81
C GLY A 315 -3.08 -2.72 -40.02
N LYS A 316 -1.77 -2.60 -39.83
CA LYS A 316 -1.20 -1.52 -39.03
C LYS A 316 -0.73 -0.37 -39.91
N ASP A 317 -0.86 0.85 -39.36
CA ASP A 317 -0.34 2.06 -39.99
C ASP A 317 1.17 2.07 -39.77
N GLU A 318 1.89 1.42 -40.69
CA GLU A 318 3.32 1.18 -40.47
C GLU A 318 4.12 2.47 -40.44
N LYS A 319 3.73 3.47 -41.24
CA LYS A 319 4.46 4.73 -41.26
C LYS A 319 4.39 5.44 -39.92
N THR A 320 3.23 5.41 -39.27
CA THR A 320 3.11 6.05 -37.96
C THR A 320 3.81 5.23 -36.89
N PHE A 321 3.72 3.90 -36.97
CA PHE A 321 4.43 3.08 -35.99
C PHE A 321 5.93 3.28 -36.09
N ALA A 322 6.46 3.40 -37.31
CA ALA A 322 7.90 3.63 -37.46
C ALA A 322 8.32 4.96 -36.86
N GLU A 323 7.50 6.00 -37.05
CA GLU A 323 7.83 7.30 -36.46
C GLU A 323 7.63 7.30 -34.95
N ILE A 324 6.63 6.58 -34.45
CA ILE A 324 6.47 6.41 -33.01
C ILE A 324 7.68 5.68 -32.43
N GLU A 325 8.13 4.62 -33.11
CA GLU A 325 9.30 3.88 -32.64
C GLU A 325 10.53 4.77 -32.56
N ASN A 326 10.71 5.66 -33.54
CA ASN A 326 11.88 6.53 -33.51
C ASN A 326 11.82 7.51 -32.34
N ILE A 327 10.61 7.96 -31.97
CA ILE A 327 10.45 8.86 -30.84
C ILE A 327 10.71 8.14 -29.52
N LEU A 328 10.21 6.92 -29.38
CA LEU A 328 10.34 6.19 -28.13
C LEU A 328 11.69 5.49 -27.99
N LYS A 329 12.47 5.43 -29.06
CA LYS A 329 13.71 4.63 -29.07
C LYS A 329 14.62 4.87 -27.87
N PRO A 330 14.91 6.11 -27.45
CA PRO A 330 15.87 6.29 -26.34
C PRO A 330 15.44 5.66 -25.03
N ILE A 331 14.15 5.47 -24.78
CA ILE A 331 13.69 4.90 -23.53
C ILE A 331 13.06 3.52 -23.74
N LYS A 332 13.25 2.93 -24.90
CA LYS A 332 12.64 1.63 -25.21
C LYS A 332 13.08 0.58 -24.18
N ASN A 333 12.09 -0.16 -23.67
CA ASN A 333 12.26 -1.26 -22.73
C ASN A 333 12.75 -0.82 -21.35
N GLN A 334 12.71 0.47 -21.04
CA GLN A 334 13.03 0.92 -19.69
C GLN A 334 11.81 0.77 -18.79
N SER A 335 12.04 0.27 -17.58
CA SER A 335 10.97 0.00 -16.63
C SER A 335 11.19 0.83 -15.38
N TRP A 336 10.68 0.36 -14.24
CA TRP A 336 10.86 1.05 -12.97
C TRP A 336 10.89 0.01 -11.87
N PRO A 337 11.48 0.34 -10.72
CA PRO A 337 11.52 -0.64 -9.62
C PRO A 337 10.13 -0.95 -9.06
N SER A 338 9.97 -2.18 -8.58
CA SER A 338 8.73 -2.63 -7.98
C SER A 338 9.04 -3.76 -7.01
N GLY A 339 8.35 -3.77 -5.87
CA GLY A 339 8.50 -4.86 -4.94
C GLY A 339 9.73 -4.74 -4.07
N ILE A 340 10.10 -5.88 -3.48
CA ILE A 340 11.15 -5.90 -2.48
C ILE A 340 12.26 -6.89 -2.81
N GLN A 341 12.21 -7.50 -3.99
CA GLN A 341 13.24 -8.45 -4.35
C GLN A 341 14.58 -7.72 -4.55
N LYS B 27 25.01 0.70 24.02
CA LYS B 27 24.37 1.88 23.47
C LYS B 27 23.08 1.52 22.74
N LEU B 28 22.10 2.42 22.80
CA LEU B 28 20.82 2.22 22.14
C LEU B 28 20.98 2.22 20.62
N GLU B 29 20.50 1.15 19.98
CA GLU B 29 20.62 0.98 18.54
C GLU B 29 19.88 2.07 17.78
N ARG B 30 20.48 2.53 16.68
CA ARG B 30 19.84 3.50 15.80
C ARG B 30 19.65 2.89 14.41
N ARG B 31 18.58 3.29 13.74
CA ARG B 31 18.20 2.71 12.46
C ARG B 31 17.94 3.82 11.45
N GLU B 32 18.31 3.56 10.19
CA GLU B 32 18.06 4.54 9.14
C GLU B 32 16.57 4.62 8.84
N LEU B 33 16.09 5.83 8.57
CA LEU B 33 14.67 6.10 8.35
C LEU B 33 14.44 6.30 6.85
N GLY B 34 14.08 5.22 6.16
CA GLY B 34 13.80 5.31 4.74
C GLY B 34 14.95 5.92 3.97
N ASN B 35 14.64 6.88 3.10
CA ASN B 35 15.65 7.58 2.32
C ASN B 35 15.97 8.96 2.89
N THR B 36 15.52 9.25 4.11
CA THR B 36 15.72 10.59 4.67
C THR B 36 17.17 10.87 5.07
N GLY B 37 17.95 9.83 5.33
CA GLY B 37 19.28 10.02 5.90
C GLY B 37 19.30 10.20 7.41
N LEU B 38 18.14 10.22 8.06
CA LEU B 38 18.08 10.32 9.51
C LEU B 38 18.34 8.96 10.15
N ASN B 39 19.11 8.97 11.24
CA ASN B 39 19.36 7.77 12.03
C ASN B 39 18.69 7.97 13.38
N LEU B 40 17.57 7.27 13.58
CA LEU B 40 16.74 7.40 14.76
C LEU B 40 17.04 6.29 15.76
N SER B 41 17.03 6.62 17.05
CA SER B 41 17.05 5.59 18.07
C SER B 41 15.86 4.65 17.86
N CYS B 42 16.10 3.34 18.06
CA CYS B 42 15.03 2.37 17.79
C CYS B 42 13.84 2.57 18.71
N VAL B 43 14.06 3.16 19.89
CA VAL B 43 12.99 3.64 20.76
C VAL B 43 12.88 5.14 20.54
N GLY B 44 11.68 5.62 20.19
CA GLY B 44 11.46 7.04 20.05
C GLY B 44 10.64 7.59 21.19
N PHE B 45 10.70 8.90 21.45
CA PHE B 45 9.97 9.53 22.55
C PHE B 45 8.62 10.02 22.05
N GLY B 46 7.55 9.35 22.48
CA GLY B 46 6.22 9.87 22.20
C GLY B 46 5.84 10.95 23.20
N ALA B 47 5.57 12.15 22.74
CA ALA B 47 5.36 13.29 23.64
C ALA B 47 3.89 13.62 23.87
N SER B 48 2.95 12.79 23.40
CA SER B 48 1.56 13.05 23.74
C SER B 48 1.33 13.05 25.25
N PRO B 49 1.99 12.21 26.07
CA PRO B 49 1.80 12.32 27.53
C PRO B 49 2.25 13.66 28.08
N LEU B 50 3.17 14.35 27.40
CA LEU B 50 3.58 15.67 27.89
C LEU B 50 2.46 16.70 27.74
N GLY B 51 1.43 16.39 26.96
CA GLY B 51 0.26 17.24 26.91
C GLY B 51 -0.85 16.78 27.83
N ASN B 52 -0.51 15.94 28.83
CA ASN B 52 -1.42 15.43 29.84
C ASN B 52 -2.48 14.50 29.26
N VAL B 53 -2.19 13.89 28.10
CA VAL B 53 -3.15 13.00 27.43
C VAL B 53 -3.41 11.74 28.26
N PHE B 54 -2.39 11.22 28.97
CA PHE B 54 -2.56 10.04 29.80
C PHE B 54 -2.61 10.37 31.30
N GLY B 55 -3.00 11.58 31.66
CA GLY B 55 -2.96 12.02 33.04
C GLY B 55 -2.06 13.23 33.19
N ASP B 56 -2.33 14.07 34.18
CA ASP B 56 -1.54 15.29 34.35
C ASP B 56 -0.10 14.94 34.71
N VAL B 57 0.83 15.75 34.20
CA VAL B 57 2.24 15.56 34.46
C VAL B 57 2.82 16.96 34.63
N SER B 58 3.58 17.15 35.72
CA SER B 58 4.15 18.45 36.00
C SER B 58 5.20 18.82 34.95
N GLU B 59 5.37 20.12 34.73
CA GLU B 59 6.37 20.56 33.78
C GLU B 59 7.77 20.12 34.18
N GLU B 60 8.05 20.10 35.49
CA GLU B 60 9.35 19.63 35.96
C GLU B 60 9.55 18.16 35.64
N GLN B 61 8.53 17.34 35.82
CA GLN B 61 8.64 15.92 35.50
C GLN B 61 8.83 15.71 34.00
N SER B 62 8.08 16.45 33.17
CA SER B 62 8.24 16.32 31.72
C SER B 62 9.66 16.63 31.29
N ILE B 63 10.23 17.72 31.83
CA ILE B 63 11.60 18.11 31.49
C ILE B 63 12.59 17.05 31.94
N ALA B 64 12.43 16.55 33.18
CA ALA B 64 13.34 15.52 33.67
C ALA B 64 13.24 14.28 32.80
N THR B 65 12.04 13.95 32.33
CA THR B 65 11.84 12.75 31.53
C THR B 65 12.52 12.87 30.17
N VAL B 66 12.36 14.02 29.53
CA VAL B 66 12.98 14.22 28.22
C VAL B 66 14.50 14.28 28.35
N ILE B 67 15.00 14.93 29.40
CA ILE B 67 16.44 14.98 29.65
C ILE B 67 17.00 13.57 29.84
N GLU B 68 16.29 12.74 30.62
CA GLU B 68 16.76 11.39 30.85
C GLU B 68 16.71 10.56 29.56
N ALA B 69 15.67 10.76 28.75
CA ALA B 69 15.56 10.03 27.50
C ALA B 69 16.73 10.36 26.58
N PHE B 70 17.04 11.65 26.43
CA PHE B 70 18.16 12.07 25.60
C PHE B 70 19.49 11.51 26.13
N ASN B 71 19.67 11.55 27.45
CA ASN B 71 20.89 11.06 28.06
C ASN B 71 21.11 9.57 27.82
N GLN B 72 20.01 8.82 27.65
CA GLN B 72 20.03 7.39 27.41
C GLN B 72 20.20 7.04 25.93
N GLY B 73 20.25 8.03 25.04
CA GLY B 73 20.44 7.77 23.62
C GLY B 73 19.23 7.96 22.75
N ILE B 74 18.07 8.32 23.30
CA ILE B 74 16.92 8.61 22.46
C ILE B 74 17.09 9.97 21.81
N ASN B 75 16.94 10.02 20.49
CA ASN B 75 17.18 11.27 19.76
C ASN B 75 15.98 11.70 18.92
N PHE B 76 14.80 11.08 19.11
CA PHE B 76 13.64 11.31 18.27
C PHE B 76 12.43 11.60 19.15
N PHE B 77 11.73 12.70 18.85
CA PHE B 77 10.64 13.23 19.67
C PHE B 77 9.46 13.60 18.78
N ASP B 78 8.27 13.07 19.10
CA ASP B 78 7.08 13.22 18.26
C ASP B 78 5.97 13.91 19.05
N THR B 79 5.34 14.89 18.44
CA THR B 79 4.22 15.59 19.09
C THR B 79 3.20 15.94 18.01
N SER B 80 2.22 16.77 18.39
CA SER B 80 1.19 17.25 17.48
C SER B 80 0.47 18.41 18.17
N PRO B 81 -0.01 19.41 17.42
CA PRO B 81 -0.86 20.45 18.04
C PRO B 81 -2.07 19.86 18.74
N TYR B 82 -2.49 18.65 18.37
CA TYR B 82 -3.68 18.05 18.92
C TYR B 82 -3.52 17.67 20.39
N TYR B 83 -2.35 17.17 20.77
CA TYR B 83 -2.15 16.58 22.11
C TYR B 83 -2.28 17.64 23.19
N GLY B 84 -3.32 17.52 24.02
CA GLY B 84 -3.54 18.47 25.07
C GLY B 84 -3.86 19.87 24.61
N ALA B 85 -4.46 20.00 23.40
CA ALA B 85 -4.88 21.30 22.85
C ALA B 85 -3.70 22.29 22.81
N THR B 86 -2.62 21.84 22.18
CA THR B 86 -1.31 22.49 21.95
C THR B 86 -0.39 22.43 23.17
N LEU B 87 -0.79 21.80 24.28
CA LEU B 87 0.09 21.77 25.46
C LEU B 87 1.35 20.95 25.22
N SER B 88 1.23 19.81 24.52
CA SER B 88 2.40 18.96 24.32
C SER B 88 3.50 19.69 23.56
N GLU B 89 3.13 20.45 22.52
CA GLU B 89 4.13 21.18 21.77
C GLU B 89 4.83 22.23 22.63
N LYS B 90 4.07 23.00 23.42
CA LYS B 90 4.67 23.99 24.31
C LYS B 90 5.61 23.34 25.33
N VAL B 91 5.17 22.24 25.95
CA VAL B 91 5.97 21.59 26.99
C VAL B 91 7.22 20.97 26.37
N LEU B 92 7.06 20.25 25.25
CA LEU B 92 8.24 19.66 24.59
C LEU B 92 9.23 20.74 24.19
N GLY B 93 8.75 21.89 23.72
CA GLY B 93 9.65 22.98 23.42
C GLY B 93 10.49 23.39 24.62
N LYS B 94 9.89 23.46 25.79
CA LYS B 94 10.64 23.78 27.00
C LYS B 94 11.64 22.67 27.31
N CYS B 95 11.23 21.41 27.12
CA CYS B 95 12.09 20.27 27.41
C CYS B 95 13.33 20.30 26.54
N LEU B 96 13.16 20.53 25.23
CA LEU B 96 14.29 20.51 24.31
C LEU B 96 15.26 21.64 24.63
N LYS B 97 14.74 22.81 25.03
CA LYS B 97 15.63 23.88 25.51
C LYS B 97 16.44 23.40 26.71
N ALA B 98 15.80 22.66 27.61
CA ALA B 98 16.46 22.19 28.82
C ALA B 98 17.54 21.15 28.55
N LEU B 99 17.56 20.54 27.37
CA LEU B 99 18.61 19.57 27.05
C LEU B 99 19.98 20.23 27.04
N GLY B 100 20.04 21.50 26.65
CA GLY B 100 21.34 22.13 26.46
C GLY B 100 22.15 21.43 25.41
N ALA B 101 21.50 20.99 24.33
CA ALA B 101 22.14 20.22 23.28
C ALA B 101 22.07 20.99 21.97
N SER B 102 22.97 20.64 21.06
CA SER B 102 22.90 21.20 19.71
C SER B 102 21.63 20.73 19.02
N ARG B 103 21.07 21.61 18.19
CA ARG B 103 19.81 21.29 17.50
C ARG B 103 19.95 20.04 16.64
N ASP B 104 21.10 19.84 16.02
CA ASP B 104 21.23 18.70 15.12
C ASP B 104 21.44 17.39 15.85
N GLU B 105 21.49 17.39 17.19
CA GLU B 105 21.62 16.17 17.97
C GLU B 105 20.29 15.48 18.24
N TYR B 106 19.16 16.13 17.97
CA TYR B 106 17.87 15.48 18.14
C TYR B 106 17.00 15.76 16.92
N ILE B 107 15.96 14.94 16.77
CA ILE B 107 15.09 14.97 15.61
C ILE B 107 13.65 15.15 16.10
N VAL B 108 12.97 16.14 15.58
CA VAL B 108 11.65 16.54 16.07
C VAL B 108 10.63 16.34 14.97
N ALA B 109 9.56 15.61 15.28
CA ALA B 109 8.43 15.41 14.39
C ALA B 109 7.18 16.00 15.00
N THR B 110 6.39 16.75 14.21
CA THR B 110 5.07 17.14 14.64
C THR B 110 4.07 16.92 13.51
N LYS B 111 2.85 17.42 13.67
CA LYS B 111 1.76 17.09 12.75
C LYS B 111 0.93 18.33 12.48
N CYS B 112 -0.05 18.18 11.58
CA CYS B 112 -1.00 19.23 11.24
C CYS B 112 -2.30 18.59 10.78
N GLY B 113 -3.38 19.39 10.83
CA GLY B 113 -4.67 19.00 10.34
C GLY B 113 -5.67 18.60 11.42
N ARG B 114 -5.22 18.10 12.56
CA ARG B 114 -6.12 17.75 13.66
C ARG B 114 -5.84 18.63 14.86
N TYR B 115 -6.90 19.22 15.40
CA TYR B 115 -6.79 20.16 16.50
C TYR B 115 -7.86 19.83 17.52
N ALA B 116 -7.75 20.44 18.69
CA ALA B 116 -8.76 20.20 19.73
C ALA B 116 -10.14 20.57 19.23
N GLU B 117 -10.23 21.52 18.30
CA GLU B 117 -11.51 21.98 17.77
C GLU B 117 -11.93 21.27 16.49
N GLY B 118 -11.23 20.23 16.06
CA GLY B 118 -11.64 19.43 14.92
C GLY B 118 -10.58 19.41 13.84
N PHE B 119 -10.99 18.90 12.67
CA PHE B 119 -10.09 18.64 11.56
C PHE B 119 -10.14 19.76 10.52
N ASP B 120 -8.96 20.11 9.98
CA ASP B 120 -8.87 21.09 8.91
C ASP B 120 -7.58 20.80 8.14
N PHE B 121 -7.72 20.12 7.01
CA PHE B 121 -6.60 19.73 6.15
C PHE B 121 -6.42 20.68 4.98
N SER B 122 -7.01 21.86 5.02
CA SER B 122 -6.87 22.80 3.93
C SER B 122 -5.44 23.28 3.82
N ALA B 123 -5.03 23.66 2.61
CA ALA B 123 -3.68 24.16 2.42
C ALA B 123 -3.43 25.39 3.29
N GLU B 124 -4.43 26.25 3.42
CA GLU B 124 -4.26 27.45 4.23
C GLU B 124 -4.03 27.09 5.70
N ARG B 125 -4.77 26.10 6.21
CA ARG B 125 -4.63 25.73 7.62
C ARG B 125 -3.26 25.12 7.91
N VAL B 126 -2.81 24.17 7.09
CA VAL B 126 -1.55 23.51 7.43
C VAL B 126 -0.38 24.45 7.22
N THR B 127 -0.50 25.41 6.30
CA THR B 127 0.54 26.40 6.12
C THR B 127 0.64 27.33 7.34
N LYS B 128 -0.50 27.73 7.90
CA LYS B 128 -0.44 28.44 9.17
C LYS B 128 0.04 27.53 10.28
N SER B 129 -0.33 26.25 10.22
CA SER B 129 -0.11 25.35 11.34
C SER B 129 1.38 25.18 11.62
N ILE B 130 2.20 25.08 10.59
CA ILE B 130 3.62 24.85 10.82
C ILE B 130 4.23 26.05 11.57
N ASP B 131 3.80 27.28 11.23
CA ASP B 131 4.29 28.46 11.95
C ASP B 131 3.89 28.43 13.43
N GLU B 132 2.64 28.04 13.71
CA GLU B 132 2.17 27.94 15.08
C GLU B 132 2.95 26.89 15.85
N SER B 133 3.26 25.75 15.21
CA SER B 133 4.02 24.69 15.86
C SER B 133 5.45 25.10 16.13
N LEU B 134 6.10 25.77 15.17
CA LEU B 134 7.47 26.21 15.39
C LEU B 134 7.55 27.24 16.50
N GLU B 135 6.52 28.08 16.64
CA GLU B 135 6.52 29.06 17.71
C GLU B 135 6.40 28.37 19.07
N ARG B 136 5.46 27.43 19.20
CA ARG B 136 5.29 26.72 20.47
C ARG B 136 6.51 25.87 20.82
N LEU B 137 7.07 25.16 19.83
CA LEU B 137 8.25 24.34 20.05
C LEU B 137 9.52 25.16 20.19
N GLN B 138 9.46 26.46 19.91
CA GLN B 138 10.62 27.37 19.97
C GLN B 138 11.76 26.86 19.08
N LEU B 139 11.40 26.43 17.87
CA LEU B 139 12.36 25.88 16.92
C LEU B 139 12.32 26.65 15.61
N GLU B 140 13.45 26.66 14.92
CA GLU B 140 13.49 27.25 13.58
C GLU B 140 12.94 26.31 12.52
N TYR B 141 13.01 24.99 12.75
CA TYR B 141 12.46 24.02 11.81
C TYR B 141 12.14 22.74 12.57
N VAL B 142 11.21 21.95 12.05
CA VAL B 142 11.03 20.59 12.52
C VAL B 142 11.67 19.67 11.49
N ASP B 143 12.03 18.46 11.93
CA ASP B 143 12.59 17.49 10.99
C ASP B 143 11.51 16.82 10.16
N ILE B 144 10.34 16.59 10.76
CA ILE B 144 9.27 15.82 10.14
C ILE B 144 7.95 16.53 10.43
N LEU B 145 7.11 16.67 9.40
CA LEU B 145 5.75 17.19 9.54
C LEU B 145 4.79 16.27 8.83
N GLN B 146 3.75 15.81 9.53
CA GLN B 146 2.85 14.80 8.96
C GLN B 146 1.39 15.17 9.13
N CYS B 147 0.57 14.77 8.16
CA CYS B 147 -0.88 14.93 8.27
C CYS B 147 -1.43 13.98 9.33
N HIS B 148 -2.22 14.53 10.25
CA HIS B 148 -2.64 13.82 11.46
C HIS B 148 -4.03 13.22 11.28
N ASP B 149 -4.13 11.89 11.40
CA ASP B 149 -5.41 11.16 11.42
C ASP B 149 -6.23 11.45 10.17
N ILE B 150 -5.62 11.15 9.01
CA ILE B 150 -6.23 11.48 7.72
C ILE B 150 -7.49 10.68 7.43
N GLU B 151 -7.76 9.62 8.19
CA GLU B 151 -8.99 8.87 7.95
C GLU B 151 -10.22 9.67 8.30
N PHE B 152 -10.07 10.80 9.01
CA PHE B 152 -11.21 11.66 9.25
C PHE B 152 -11.41 12.70 8.14
N GLY B 153 -10.48 12.79 7.18
CA GLY B 153 -10.58 13.78 6.13
C GLY B 153 -11.04 13.18 4.80
N SER B 154 -11.11 14.06 3.81
CA SER B 154 -11.24 13.60 2.43
C SER B 154 -9.87 13.16 1.95
N LEU B 155 -9.73 11.87 1.61
CA LEU B 155 -8.42 11.40 1.17
C LEU B 155 -8.02 12.05 -0.14
N ASP B 156 -9.00 12.42 -0.98
CA ASP B 156 -8.69 13.15 -2.20
C ASP B 156 -8.18 14.55 -1.89
N GLN B 157 -8.69 15.20 -0.84
CA GLN B 157 -8.10 16.48 -0.43
C GLN B 157 -6.66 16.30 0.04
N ILE B 158 -6.41 15.23 0.80
CA ILE B 158 -5.04 14.95 1.25
C ILE B 158 -4.11 14.85 0.05
N VAL B 159 -4.54 14.12 -0.97
CA VAL B 159 -3.69 13.87 -2.14
C VAL B 159 -3.48 15.16 -2.92
N ASN B 160 -4.55 15.91 -3.19
CA ASN B 160 -4.53 16.99 -4.16
C ASN B 160 -4.30 18.37 -3.57
N GLU B 161 -4.45 18.54 -2.25
CA GLU B 161 -4.29 19.85 -1.64
C GLU B 161 -3.33 19.82 -0.47
N THR B 162 -3.54 18.90 0.48
CA THR B 162 -2.77 18.93 1.73
C THR B 162 -1.31 18.58 1.49
N ILE B 163 -1.06 17.48 0.79
CA ILE B 163 0.31 17.03 0.57
C ILE B 163 1.06 18.04 -0.30
N PRO B 164 0.48 18.57 -1.40
CA PRO B 164 1.17 19.69 -2.09
C PRO B 164 1.51 20.87 -1.20
N ALA B 165 0.62 21.24 -0.28
CA ALA B 165 0.94 22.32 0.66
C ALA B 165 2.09 21.92 1.57
N LEU B 166 2.12 20.66 2.01
CA LEU B 166 3.24 20.20 2.81
C LEU B 166 4.54 20.20 2.00
N GLN B 167 4.46 19.93 0.69
CA GLN B 167 5.66 20.01 -0.15
C GLN B 167 6.21 21.43 -0.21
N LYS B 168 5.32 22.43 -0.23
CA LYS B 168 5.80 23.81 -0.20
C LYS B 168 6.41 24.16 1.14
N ILE B 169 5.85 23.63 2.24
CA ILE B 169 6.45 23.84 3.55
C ILE B 169 7.83 23.20 3.59
N LYS B 170 7.96 22.01 3.04
CA LYS B 170 9.27 21.35 3.00
C LYS B 170 10.27 22.18 2.21
N GLU B 171 9.84 22.75 1.07
CA GLU B 171 10.76 23.53 0.26
C GLU B 171 11.18 24.82 0.92
N SER B 172 10.33 25.37 1.80
CA SER B 172 10.72 26.55 2.58
C SER B 172 11.74 26.20 3.65
N GLY B 173 11.86 24.92 4.00
CA GLY B 173 12.79 24.50 5.01
C GLY B 173 12.20 24.43 6.41
N LYS B 174 10.95 24.85 6.60
CA LYS B 174 10.37 24.81 7.93
C LYS B 174 10.16 23.37 8.41
N THR B 175 10.05 22.42 7.50
CA THR B 175 10.21 21.00 7.79
C THR B 175 11.18 20.42 6.78
N ARG B 176 11.88 19.38 7.17
CA ARG B 176 12.80 18.73 6.24
C ARG B 176 12.14 17.57 5.50
N PHE B 177 11.18 16.89 6.13
CA PHE B 177 10.51 15.73 5.54
C PHE B 177 9.03 15.76 5.87
N ILE B 178 8.22 15.05 5.06
CA ILE B 178 6.77 15.07 5.22
C ILE B 178 6.23 13.64 5.25
N GLY B 179 5.06 13.50 5.86
CA GLY B 179 4.44 12.20 5.98
C GLY B 179 2.96 12.29 6.27
N ILE B 180 2.38 11.11 6.56
CA ILE B 180 0.96 10.98 6.85
C ILE B 180 0.79 9.95 7.96
N THR B 181 -0.23 10.14 8.79
CA THR B 181 -0.54 9.21 9.89
C THR B 181 -2.05 8.96 9.93
N GLY B 182 -2.42 7.85 10.54
CA GLY B 182 -3.82 7.50 10.72
C GLY B 182 -3.92 6.07 11.24
N LEU B 183 -5.12 5.70 11.62
CA LEU B 183 -5.26 4.36 12.19
C LEU B 183 -5.48 3.29 11.12
N PRO B 184 -6.45 3.42 10.20
CA PRO B 184 -6.70 2.33 9.25
C PRO B 184 -5.59 2.22 8.23
N LEU B 185 -5.02 1.02 8.10
CA LEU B 185 -3.91 0.83 7.17
C LEU B 185 -4.29 1.15 5.73
N GLU B 186 -5.58 1.04 5.38
CA GLU B 186 -5.99 1.30 4.01
C GLU B 186 -5.79 2.77 3.60
N VAL B 187 -5.71 3.71 4.54
CA VAL B 187 -5.53 5.09 4.10
C VAL B 187 -4.14 5.29 3.49
N TYR B 188 -3.15 4.50 3.90
CA TYR B 188 -1.80 4.67 3.37
C TYR B 188 -1.72 4.24 1.90
N THR B 189 -2.28 3.07 1.57
CA THR B 189 -2.27 2.66 0.16
C THR B 189 -3.05 3.65 -0.68
N TYR B 190 -4.19 4.14 -0.19
CA TYR B 190 -4.98 5.08 -0.99
C TYR B 190 -4.16 6.31 -1.33
N VAL B 191 -3.50 6.92 -0.34
CA VAL B 191 -2.76 8.15 -0.58
C VAL B 191 -1.48 7.87 -1.37
N LEU B 192 -0.70 6.88 -0.92
CA LEU B 192 0.58 6.62 -1.56
C LEU B 192 0.45 6.05 -2.96
N ASP B 193 -0.70 5.45 -3.30
CA ASP B 193 -0.92 5.04 -4.69
C ASP B 193 -1.17 6.22 -5.60
N ARG B 194 -1.51 7.38 -5.04
CA ARG B 194 -2.03 8.48 -5.84
C ARG B 194 -1.15 9.72 -5.87
N VAL B 195 -0.04 9.73 -5.13
CA VAL B 195 0.87 10.88 -5.19
C VAL B 195 2.05 10.50 -6.07
N PRO B 196 2.78 11.46 -6.63
CA PRO B 196 3.92 11.12 -7.48
C PRO B 196 4.96 10.37 -6.68
N PRO B 197 5.74 9.51 -7.33
CA PRO B 197 6.78 8.77 -6.60
C PRO B 197 7.76 9.70 -5.91
N GLY B 198 8.17 9.32 -4.70
CA GLY B 198 9.13 10.09 -3.94
C GLY B 198 8.56 11.29 -3.21
N THR B 199 7.24 11.46 -3.25
CA THR B 199 6.61 12.61 -2.59
C THR B 199 6.69 12.48 -1.06
N ILE B 200 6.27 11.34 -0.53
CA ILE B 200 6.17 11.13 0.91
C ILE B 200 7.47 10.50 1.42
N ASP B 201 8.03 11.10 2.48
CA ASP B 201 9.28 10.62 3.06
C ASP B 201 9.08 9.57 4.14
N VAL B 202 8.06 9.76 4.98
CA VAL B 202 7.88 8.95 6.18
CA VAL B 202 7.88 8.96 6.19
C VAL B 202 6.39 8.73 6.37
N VAL B 203 6.05 7.69 7.14
CA VAL B 203 4.70 7.45 7.60
C VAL B 203 4.80 7.04 9.06
N LEU B 204 3.78 7.40 9.82
CA LEU B 204 3.62 6.93 11.20
C LEU B 204 2.34 6.11 11.23
N SER B 205 2.46 4.87 11.67
CA SER B 205 1.33 4.00 11.94
C SER B 205 1.35 3.66 13.41
N TYR B 206 0.17 3.53 14.01
CA TYR B 206 0.08 3.23 15.44
C TYR B 206 -0.89 2.11 15.70
N CYS B 207 -0.65 1.40 16.81
CA CYS B 207 -1.47 0.31 17.33
C CYS B 207 -1.49 -0.95 16.45
N HIS B 208 -0.65 -1.04 15.41
CA HIS B 208 -0.69 -2.18 14.50
C HIS B 208 0.61 -2.98 14.45
N TYR B 209 1.58 -2.71 15.36
CA TYR B 209 2.70 -3.66 15.53
C TYR B 209 2.99 -3.78 17.01
N CYS B 210 2.13 -4.52 17.70
CA CYS B 210 2.18 -4.73 19.13
C CYS B 210 1.71 -6.14 19.41
N ILE B 211 1.75 -6.55 20.68
CA ILE B 211 1.54 -7.97 20.99
C ILE B 211 0.14 -8.44 20.59
N ASN B 212 -0.84 -7.53 20.51
CA ASN B 212 -2.20 -7.93 20.16
C ASN B 212 -2.55 -7.70 18.69
N ASP B 213 -1.68 -7.02 17.93
CA ASP B 213 -2.00 -6.64 16.56
C ASP B 213 -0.69 -6.42 15.80
N SER B 214 -0.42 -7.28 14.81
CA SER B 214 0.82 -7.18 14.03
C SER B 214 0.57 -6.85 12.56
N THR B 215 -0.62 -6.35 12.23
CA THR B 215 -1.01 -6.15 10.83
C THR B 215 -0.12 -5.16 10.09
N LEU B 216 0.64 -4.32 10.80
CA LEU B 216 1.56 -3.44 10.09
C LEU B 216 2.54 -4.23 9.23
N GLU B 217 2.86 -5.46 9.62
CA GLU B 217 3.79 -6.25 8.81
C GLU B 217 3.27 -6.49 7.40
N ASP B 218 1.94 -6.45 7.20
CA ASP B 218 1.39 -6.57 5.84
C ASP B 218 1.76 -5.36 4.99
N MET B 219 1.93 -4.20 5.60
CA MET B 219 2.18 -2.97 4.87
C MET B 219 3.66 -2.66 4.69
N LEU B 220 4.54 -3.27 5.49
CA LEU B 220 5.97 -3.00 5.36
C LEU B 220 6.52 -3.22 3.94
N PRO B 221 6.18 -4.30 3.21
CA PRO B 221 6.70 -4.43 1.84
C PRO B 221 6.27 -3.29 0.95
N TYR B 222 5.04 -2.80 1.14
CA TYR B 222 4.53 -1.69 0.36
C TYR B 222 5.31 -0.40 0.66
N PHE B 223 5.54 -0.11 1.94
CA PHE B 223 6.31 1.08 2.29
C PHE B 223 7.74 1.00 1.80
N LYS B 224 8.36 -0.18 1.91
CA LYS B 224 9.73 -0.33 1.43
C LYS B 224 9.80 -0.11 -0.07
N SER B 225 8.83 -0.64 -0.81
CA SER B 225 8.83 -0.48 -2.27
C SER B 225 8.71 0.99 -2.67
N LYS B 226 8.05 1.80 -1.84
CA LYS B 226 7.84 3.22 -2.08
C LYS B 226 8.97 4.08 -1.52
N GLY B 227 9.96 3.47 -0.86
CA GLY B 227 11.05 4.22 -0.29
C GLY B 227 10.64 5.09 0.88
N VAL B 228 9.66 4.65 1.65
CA VAL B 228 9.08 5.44 2.74
C VAL B 228 9.60 4.87 4.05
N GLY B 229 10.17 5.73 4.90
CA GLY B 229 10.55 5.32 6.24
C GLY B 229 9.32 5.05 7.09
N VAL B 230 9.42 4.02 7.93
CA VAL B 230 8.27 3.59 8.73
C VAL B 230 8.54 3.86 10.20
N ILE B 231 7.66 4.63 10.80
CA ILE B 231 7.64 4.88 12.25
C ILE B 231 6.46 4.11 12.81
N ASN B 232 6.72 3.18 13.72
CA ASN B 232 5.66 2.53 14.46
C ASN B 232 5.44 3.33 15.74
N ALA B 233 4.21 3.28 16.24
CA ALA B 233 3.85 4.04 17.43
C ALA B 233 2.87 3.23 18.27
N SER B 234 2.84 3.54 19.56
CA SER B 234 1.94 2.91 20.54
C SER B 234 2.19 1.41 20.67
N PRO B 235 3.38 1.00 21.09
CA PRO B 235 3.63 -0.43 21.32
C PRO B 235 2.89 -0.96 22.53
N LEU B 236 2.49 -0.10 23.45
CA LEU B 236 1.61 -0.49 24.55
C LEU B 236 0.13 -0.32 24.18
N SER B 237 -0.16 -0.10 22.89
CA SER B 237 -1.51 0.19 22.39
C SER B 237 -2.20 1.20 23.30
N MET B 238 -1.49 2.30 23.56
CA MET B 238 -2.04 3.44 24.30
C MET B 238 -2.50 3.04 25.70
N GLY B 239 -1.70 2.20 26.36
CA GLY B 239 -1.88 1.86 27.77
C GLY B 239 -2.53 0.53 28.02
N LEU B 240 -2.97 -0.18 26.97
CA LEU B 240 -3.52 -1.51 27.16
C LEU B 240 -2.50 -2.46 27.75
N HIS B 241 -1.23 -2.33 27.36
CA HIS B 241 -0.19 -3.25 27.84
C HIS B 241 0.61 -2.60 28.96
N THR B 242 -0.13 -2.23 30.01
CA THR B 242 0.45 -1.68 31.23
C THR B 242 -0.25 -2.31 32.43
N GLU B 243 0.38 -2.18 33.59
CA GLU B 243 -0.23 -2.67 34.83
C GLU B 243 -1.45 -1.83 35.20
N ASN B 244 -1.37 -0.51 35.01
CA ASN B 244 -2.49 0.38 35.35
C ASN B 244 -3.66 0.26 34.38
N GLY B 245 -3.44 -0.23 33.16
CA GLY B 245 -4.50 -0.37 32.21
C GLY B 245 -4.71 0.89 31.40
N PRO B 246 -5.61 0.83 30.43
CA PRO B 246 -5.77 1.93 29.47
C PRO B 246 -6.51 3.11 30.08
N PRO B 247 -6.34 4.30 29.49
CA PRO B 247 -7.11 5.47 29.94
C PRO B 247 -8.58 5.36 29.58
N GLU B 248 -9.38 6.21 30.25
CA GLU B 248 -10.83 6.16 30.09
C GLU B 248 -11.28 6.43 28.66
N TRP B 249 -10.48 7.17 27.89
CA TRP B 249 -10.87 7.51 26.53
C TRP B 249 -10.49 6.43 25.50
N HIS B 250 -9.88 5.34 25.92
CA HIS B 250 -9.34 4.38 24.96
C HIS B 250 -10.47 3.78 24.11
N PRO B 251 -10.34 3.75 22.78
CA PRO B 251 -11.44 3.30 21.91
C PRO B 251 -11.57 1.79 21.74
N ALA B 252 -10.71 0.98 22.36
CA ALA B 252 -10.77 -0.46 22.12
C ALA B 252 -12.07 -1.06 22.67
N SER B 253 -12.52 -2.13 22.01
CA SER B 253 -13.73 -2.79 22.44
C SER B 253 -13.56 -3.37 23.84
N PRO B 254 -14.65 -3.66 24.53
CA PRO B 254 -14.53 -4.33 25.83
C PRO B 254 -13.79 -5.66 25.74
N GLU B 255 -13.92 -6.37 24.60
CA GLU B 255 -13.28 -7.68 24.50
C GLU B 255 -11.77 -7.55 24.36
N ILE B 256 -11.30 -6.54 23.64
CA ILE B 256 -9.86 -6.26 23.57
C ILE B 256 -9.34 -5.84 24.94
N LYS B 257 -10.09 -4.99 25.65
CA LYS B 257 -9.65 -4.54 26.97
C LYS B 257 -9.56 -5.72 27.95
N ALA B 258 -10.52 -6.65 27.88
CA ALA B 258 -10.52 -7.77 28.81
C ALA B 258 -9.34 -8.71 28.58
N ALA B 259 -9.00 -8.99 27.31
CA ALA B 259 -7.87 -9.89 27.05
C ALA B 259 -6.55 -9.20 27.36
N CYS B 260 -6.45 -7.89 27.10
CA CYS B 260 -5.23 -7.18 27.45
C CYS B 260 -5.04 -7.11 28.96
N LYS B 261 -6.12 -6.91 29.71
CA LYS B 261 -6.03 -6.95 31.16
C LYS B 261 -5.63 -8.33 31.65
N ALA B 262 -6.15 -9.38 31.00
CA ALA B 262 -5.78 -10.75 31.36
C ALA B 262 -4.30 -11.00 31.12
N ALA B 263 -3.75 -10.50 30.02
CA ALA B 263 -2.32 -10.66 29.77
C ALA B 263 -1.49 -9.92 30.80
N ALA B 264 -1.90 -8.70 31.16
CA ALA B 264 -1.15 -7.94 32.17
C ALA B 264 -1.24 -8.59 33.54
N ASP B 265 -2.41 -9.12 33.90
CA ASP B 265 -2.54 -9.81 35.18
C ASP B 265 -1.68 -11.08 35.21
N TYR B 266 -1.58 -11.78 34.08
CA TYR B 266 -0.72 -12.95 34.02
C TYR B 266 0.73 -12.58 34.31
N CYS B 267 1.22 -11.49 33.70
CA CYS B 267 2.60 -11.10 33.94
C CYS B 267 2.82 -10.72 35.40
N LYS B 268 1.90 -9.93 35.97
CA LYS B 268 2.04 -9.51 37.36
C LYS B 268 2.07 -10.70 38.29
N LYS B 269 1.25 -11.72 38.03
CA LYS B 269 1.24 -12.91 38.87
C LYS B 269 2.55 -13.68 38.77
N ASN B 270 3.25 -13.56 37.65
CA ASN B 270 4.45 -14.34 37.39
C ASN B 270 5.73 -13.49 37.45
N GLY B 271 5.66 -12.32 38.06
CA GLY B 271 6.85 -11.51 38.23
C GLY B 271 7.42 -10.95 36.94
N LYS B 272 6.59 -10.75 35.92
CA LYS B 272 7.00 -10.20 34.64
C LYS B 272 6.42 -8.80 34.47
N ASN B 273 7.03 -8.05 33.56
CA ASN B 273 6.63 -6.68 33.24
C ASN B 273 5.97 -6.67 31.86
N ILE B 274 4.66 -6.45 31.82
CA ILE B 274 3.91 -6.50 30.56
C ILE B 274 4.42 -5.43 29.61
N SER B 275 4.76 -4.26 30.14
CA SER B 275 5.16 -3.13 29.30
C SER B 275 6.53 -3.39 28.66
N LYS B 276 7.46 -3.96 29.43
CA LYS B 276 8.75 -4.36 28.88
C LYS B 276 8.56 -5.36 27.75
N LEU B 277 7.79 -6.42 28.00
CA LEU B 277 7.61 -7.46 26.98
C LEU B 277 6.90 -6.91 25.75
N ALA B 278 5.88 -6.08 25.95
CA ALA B 278 5.20 -5.48 24.80
C ALA B 278 6.15 -4.64 23.98
N LEU B 279 6.95 -3.79 24.64
CA LEU B 279 7.89 -2.96 23.90
C LEU B 279 8.92 -3.81 23.17
N GLN B 280 9.42 -4.87 23.83
CA GLN B 280 10.38 -5.75 23.18
C GLN B 280 9.79 -6.42 21.95
N TYR B 281 8.52 -6.81 22.01
CA TYR B 281 7.88 -7.39 20.84
C TYR B 281 7.95 -6.41 19.67
N SER B 282 7.55 -5.16 19.90
CA SER B 282 7.49 -4.17 18.82
C SER B 282 8.86 -3.87 18.24
N LEU B 283 9.92 -3.91 19.06
CA LEU B 283 11.26 -3.57 18.59
C LEU B 283 11.92 -4.68 17.79
N SER B 284 11.29 -5.85 17.70
CA SER B 284 11.98 -7.00 17.13
C SER B 284 11.96 -7.00 15.60
N ASN B 285 11.16 -6.17 14.95
CA ASN B 285 11.11 -6.13 13.49
C ASN B 285 12.01 -5.02 12.98
N LYS B 286 13.13 -5.40 12.33
CA LYS B 286 14.11 -4.42 11.90
C LYS B 286 13.67 -3.60 10.70
N ASP B 287 12.59 -3.99 10.01
CA ASP B 287 12.07 -3.17 8.93
C ASP B 287 11.39 -1.90 9.43
N ILE B 288 11.11 -1.80 10.73
CA ILE B 288 10.60 -0.59 11.33
C ILE B 288 11.77 0.22 11.86
N SER B 289 11.85 1.51 11.49
CA SER B 289 13.01 2.32 11.86
C SER B 289 13.00 2.70 13.33
N THR B 290 11.83 3.06 13.86
CA THR B 290 11.72 3.45 15.26
C THR B 290 10.34 3.09 15.77
N THR B 291 10.23 2.95 17.09
CA THR B 291 8.96 2.72 17.75
C THR B 291 8.77 3.81 18.80
N LEU B 292 7.79 4.68 18.57
CA LEU B 292 7.47 5.74 19.53
C LEU B 292 6.69 5.15 20.69
N VAL B 293 7.16 5.40 21.90
CA VAL B 293 6.48 5.03 23.14
CA VAL B 293 6.44 5.04 23.11
C VAL B 293 6.26 6.31 23.95
N GLY B 294 5.03 6.56 24.35
CA GLY B 294 4.75 7.73 25.19
C GLY B 294 5.34 7.51 26.58
N MET B 295 6.03 8.52 27.10
CA MET B 295 6.69 8.41 28.39
C MET B 295 6.46 9.70 29.18
N ASN B 296 6.25 9.55 30.49
CA ASN B 296 6.04 10.73 31.33
C ASN B 296 6.76 10.64 32.68
N SER B 297 7.75 9.77 32.83
CA SER B 297 8.55 9.72 34.05
C SER B 297 9.90 9.11 33.72
N VAL B 298 10.88 9.41 34.58
CA VAL B 298 12.24 8.88 34.36
C VAL B 298 12.26 7.37 34.54
N LYS B 299 11.36 6.81 35.35
CA LYS B 299 11.30 5.37 35.52
C LYS B 299 10.84 4.67 34.24
N GLN B 300 9.90 5.29 33.51
CA GLN B 300 9.47 4.72 32.24
C GLN B 300 10.59 4.76 31.22
N VAL B 301 11.37 5.85 31.21
CA VAL B 301 12.52 5.93 30.32
C VAL B 301 13.52 4.83 30.63
N GLU B 302 13.85 4.68 31.92
CA GLU B 302 14.82 3.66 32.34
C GLU B 302 14.34 2.26 31.97
N GLU B 303 13.07 1.95 32.22
CA GLU B 303 12.55 0.63 31.89
C GLU B 303 12.54 0.40 30.39
N ASN B 304 12.09 1.40 29.62
CA ASN B 304 11.91 1.20 28.19
C ASN B 304 13.25 1.12 27.46
N VAL B 305 14.20 2.00 27.79
CA VAL B 305 15.54 1.86 27.23
C VAL B 305 16.15 0.55 27.67
N GLY B 306 15.98 0.19 28.95
CA GLY B 306 16.51 -1.07 29.43
C GLY B 306 15.92 -2.26 28.71
N ALA B 307 14.62 -2.20 28.40
CA ALA B 307 13.98 -3.27 27.64
C ALA B 307 14.62 -3.39 26.25
N ALA B 308 14.90 -2.26 25.61
CA ALA B 308 15.52 -2.29 24.29
C ALA B 308 16.91 -2.90 24.35
N LEU B 309 17.73 -2.46 25.29
CA LEU B 309 19.10 -2.96 25.41
C LEU B 309 19.10 -4.45 25.72
N GLU B 310 18.22 -4.88 26.62
CA GLU B 310 18.17 -6.29 26.98
C GLU B 310 17.68 -7.15 25.82
N LEU B 311 16.79 -6.61 24.99
CA LEU B 311 16.35 -7.34 23.80
C LEU B 311 17.55 -7.65 22.90
N GLU B 312 18.47 -6.70 22.77
CA GLU B 312 19.60 -6.89 21.87
C GLU B 312 20.56 -7.94 22.41
N THR B 313 20.72 -8.02 23.73
CA THR B 313 21.72 -8.92 24.30
C THR B 313 21.15 -10.25 24.78
N ALA B 314 19.88 -10.29 25.19
CA ALA B 314 19.31 -11.51 25.73
C ALA B 314 18.17 -12.08 24.88
N GLY B 315 17.67 -11.36 23.89
CA GLY B 315 16.58 -11.85 23.08
C GLY B 315 15.25 -11.79 23.80
N LYS B 316 14.28 -12.48 23.22
CA LYS B 316 12.92 -12.46 23.72
C LYS B 316 12.66 -13.63 24.66
N ASP B 317 11.84 -13.39 25.67
CA ASP B 317 11.39 -14.43 26.60
C ASP B 317 10.26 -15.20 25.92
N GLU B 318 10.64 -16.23 25.15
CA GLU B 318 9.65 -16.89 24.29
C GLU B 318 8.58 -17.62 25.10
N LYS B 319 8.93 -18.19 26.26
CA LYS B 319 7.92 -18.90 27.04
C LYS B 319 6.83 -17.95 27.52
N THR B 320 7.20 -16.76 27.97
CA THR B 320 6.19 -15.80 28.40
C THR B 320 5.46 -15.20 27.22
N PHE B 321 6.16 -14.95 26.10
CA PHE B 321 5.48 -14.46 24.91
C PHE B 321 4.47 -15.47 24.39
N ALA B 322 4.81 -16.76 24.47
CA ALA B 322 3.87 -17.79 24.02
C ALA B 322 2.59 -17.76 24.85
N GLU B 323 2.72 -17.63 26.17
CA GLU B 323 1.54 -17.58 27.01
C GLU B 323 0.76 -16.28 26.83
N ILE B 324 1.47 -15.16 26.58
CA ILE B 324 0.79 -13.90 26.26
C ILE B 324 0.02 -14.04 24.95
N GLU B 325 0.64 -14.65 23.95
CA GLU B 325 -0.03 -14.85 22.66
C GLU B 325 -1.29 -15.70 22.84
N ASN B 326 -1.23 -16.72 23.68
CA ASN B 326 -2.39 -17.58 23.90
C ASN B 326 -3.53 -16.83 24.57
N ILE B 327 -3.21 -15.89 25.47
CA ILE B 327 -4.24 -15.11 26.13
C ILE B 327 -4.87 -14.14 25.15
N LEU B 328 -4.06 -13.52 24.29
CA LEU B 328 -4.58 -12.52 23.37
C LEU B 328 -5.19 -13.12 22.11
N LYS B 329 -5.05 -14.44 21.90
CA LYS B 329 -5.51 -15.04 20.65
C LYS B 329 -6.93 -14.65 20.25
N PRO B 330 -7.93 -14.63 21.16
CA PRO B 330 -9.30 -14.32 20.71
C PRO B 330 -9.44 -12.93 20.10
N ILE B 331 -8.59 -11.97 20.44
CA ILE B 331 -8.70 -10.62 19.90
C ILE B 331 -7.54 -10.28 18.97
N LYS B 332 -6.76 -11.27 18.55
CA LYS B 332 -5.58 -11.01 17.73
C LYS B 332 -5.94 -10.28 16.45
N ASN B 333 -5.22 -9.18 16.19
CA ASN B 333 -5.34 -8.32 15.01
C ASN B 333 -6.68 -7.61 14.90
N GLN B 334 -7.48 -7.61 15.97
CA GLN B 334 -8.73 -6.86 15.99
C GLN B 334 -8.45 -5.39 16.29
N SER B 335 -9.20 -4.52 15.60
CA SER B 335 -9.01 -3.09 15.75
C SER B 335 -10.32 -2.45 16.23
N TRP B 336 -10.53 -1.17 15.88
CA TRP B 336 -11.74 -0.46 16.23
C TRP B 336 -12.03 0.55 15.11
N PRO B 337 -13.29 0.99 15.00
CA PRO B 337 -13.60 1.97 13.94
C PRO B 337 -12.86 3.27 14.17
N SER B 338 -12.53 3.95 13.08
CA SER B 338 -11.90 5.25 13.13
C SER B 338 -12.19 5.97 11.82
N GLY B 339 -12.46 7.27 11.93
CA GLY B 339 -12.63 8.10 10.76
C GLY B 339 -13.99 7.93 10.11
N ILE B 340 -14.05 8.35 8.85
CA ILE B 340 -15.29 8.42 8.10
C ILE B 340 -15.23 7.65 6.79
N GLN B 341 -14.14 6.95 6.50
CA GLN B 341 -14.05 6.22 5.22
C GLN B 341 -15.07 5.08 5.18
PA NAD C . -4.12 0.66 -19.32
O1A NAD C . -5.06 -0.41 -19.78
O2A NAD C . -2.86 0.66 -20.14
O5B NAD C . -4.87 2.09 -19.49
C5B NAD C . -5.99 2.35 -18.66
C4B NAD C . -6.25 3.84 -18.76
O4B NAD C . -6.38 4.22 -20.33
C3B NAD C . -7.39 4.15 -18.18
O3B NAD C . -7.37 5.59 -17.67
C2B NAD C . -8.41 4.05 -19.32
O2B NAD C . -9.48 4.81 -19.02
C1B NAD C . -7.59 4.68 -20.48
N9A NAD C . -8.11 4.27 -21.82
C8A NAD C . -8.52 3.03 -22.17
N7A NAD C . -8.90 3.04 -23.44
C5A NAD C . -8.72 4.31 -23.94
C6A NAD C . -8.94 4.92 -25.16
N6A NAD C . -9.44 4.16 -26.27
N1A NAD C . -8.66 6.20 -25.32
C2A NAD C . -8.18 6.91 -24.29
N3A NAD C . -7.97 6.37 -23.11
C4A NAD C . -8.21 5.08 -22.90
O3 NAD C . -3.69 0.48 -17.69
PN NAD C . -4.47 -0.52 -16.57
O1N NAD C . -3.88 -0.26 -15.18
O2N NAD C . -5.96 -0.23 -16.52
O5D NAD C . -4.23 -2.11 -17.00
C5D NAD C . -5.35 -2.82 -17.51
C4D NAD C . -5.88 -3.85 -16.55
O4D NAD C . -4.70 -4.99 -16.29
C3D NAD C . -6.19 -3.40 -15.38
O3D NAD C . -7.54 -2.80 -15.33
C2D NAD C . -6.12 -4.73 -14.53
O2D NAD C . -7.18 -5.51 -14.84
C1D NAD C . -4.82 -5.42 -15.05
N1N NAD C . -3.58 -5.10 -14.28
C2N NAD C . -3.03 -6.04 -13.52
C3N NAD C . -1.87 -5.78 -12.80
C7N NAD C . -1.22 -6.86 -11.90
O7N NAD C . -1.70 -7.97 -11.83
N7N NAD C . -0.01 -6.54 -11.14
C4N NAD C . -1.28 -4.51 -12.90
C5N NAD C . -1.87 -3.56 -13.71
C6N NAD C . -3.02 -3.89 -14.39
PA NAD D . 1.80 4.00 24.14
O1A NAD D . 1.43 2.68 23.56
O2A NAD D . 3.19 4.42 23.75
O5B NAD D . 1.63 3.97 25.75
C5B NAD D . 1.77 5.23 26.45
C4B NAD D . 1.21 5.08 27.85
O4B NAD D . 2.06 3.88 28.56
C3B NAD D . 1.41 6.15 28.62
O3B NAD D . 0.39 6.18 29.74
C2B NAD D . 2.79 5.91 29.24
O2B NAD D . 2.98 6.65 30.38
C1B NAD D . 2.64 4.41 29.58
N9A NAD D . 3.97 3.77 29.72
C8A NAD D . 5.00 3.94 28.86
N7A NAD D . 6.02 3.20 29.26
C5A NAD D . 5.65 2.52 30.41
C6A NAD D . 6.27 1.61 31.28
N6A NAD D . 7.63 1.21 31.02
N1A NAD D . 5.62 1.12 32.31
C2A NAD D . 4.36 1.51 32.53
N3A NAD D . 3.73 2.34 31.74
C4A NAD D . 4.34 2.88 30.67
O3 NAD D . 0.66 5.11 23.62
PN NAD D . 1.00 6.55 22.83
O1N NAD D . -0.35 7.11 22.37
O2N NAD D . 1.71 7.48 23.81
O5D NAD D . 1.93 6.25 21.47
C5D NAD D . 3.25 6.75 21.43
C4D NAD D . 3.33 8.08 20.71
O4D NAD D . 2.96 7.90 19.11
C3D NAD D . 2.52 9.00 21.11
O3D NAD D . 2.99 9.69 22.33
C2D NAD D . 2.50 9.98 19.89
O2D NAD D . 3.67 10.65 19.81
C1D NAD D . 2.39 9.00 18.68
N1N NAD D . 0.98 8.71 18.27
C2N NAD D . 0.54 9.15 17.09
C3N NAD D . -0.76 8.88 16.65
C7N NAD D . -1.24 9.41 15.28
O7N NAD D . -2.40 9.30 14.93
N7N NAD D . -0.28 10.06 14.40
C4N NAD D . -1.60 8.12 17.47
C5N NAD D . -1.12 7.67 18.68
C6N NAD D . 0.18 7.97 19.05
#